data_7E5V
#
_entry.id   7E5V
#
_cell.length_a   91.052
_cell.length_b   149.881
_cell.length_c   99.270
_cell.angle_alpha   90.000
_cell.angle_beta   97.119
_cell.angle_gamma   90.000
#
_symmetry.space_group_name_H-M   'C 1 2 1'
#
loop_
_entity.id
_entity.type
_entity.pdbx_description
1 polymer Diels-Alderase
2 non-polymer [(1S,2S,5R)-5-methyl-2-propan-2-yl-cyclohexyl]methanamine
3 non-polymer GLYCEROL
4 non-polymer 'SULFATE ION'
5 water water
#
_entity_poly.entity_id   1
_entity_poly.type   'polypeptide(L)'
_entity_poly.pdbx_seq_one_letter_code
;GSHMSEPTSSSSLDITSNCIIETPLQPSDFLPKSANLFPKFPERISVDSWELWEFDTFDTNGSVAFGCSLYRDARGVEQG
GFHAEVNALWPDGTHWGETLYFAVSEVVENSDGTTGGKWLSKDGGSITFHIASDYTAAALDFNVPGKVSGTMELRNHANV
SPTSNLPASDAEAQLCPGVYYTFPMGPVATSVTATFSSVGANGESRELFISSGYGGMVRGWSARPWPTFMNDAYYVVAQV
GPYMLQILRTLGSVFVQHKPFAVARLYLDGSLVSAANTVVGDELTAHADDVKGDAVRLTKVQPDEKSQGLSGKFRDGNVG
YVLEFAKKDSEHGWTFQISHKRAVWSEPTSAPGPDGTGKSGWIEAISGGAKGENYEGHGFGGQLQIPVP
;
_entity_poly.pdbx_strand_id   A,B,C
#
# COMPACT_ATOMS: atom_id res chain seq x y z
N PRO A 7 31.96 -3.19 24.69
CA PRO A 7 31.25 -3.02 23.38
C PRO A 7 31.56 -4.18 22.41
N THR A 8 30.66 -5.17 22.31
CA THR A 8 30.85 -6.45 21.56
C THR A 8 30.09 -6.42 20.22
N SER A 9 28.93 -5.77 20.16
CA SER A 9 28.09 -5.58 18.94
C SER A 9 27.74 -4.10 18.83
N SER A 10 27.88 -3.55 17.63
CA SER A 10 27.61 -2.12 17.32
C SER A 10 26.72 -2.08 16.08
N SER A 11 25.67 -1.27 16.11
CA SER A 11 24.89 -0.88 14.91
C SER A 11 24.85 0.63 14.85
N SER A 12 25.49 1.22 13.86
CA SER A 12 25.54 2.69 13.70
C SER A 12 25.01 3.08 12.32
N LEU A 13 23.87 3.80 12.29
CA LEU A 13 23.25 4.25 11.01
C LEU A 13 23.32 5.78 10.93
N ASP A 14 23.68 6.28 9.75
CA ASP A 14 23.57 7.71 9.38
C ASP A 14 22.70 7.76 8.12
N ILE A 15 21.48 8.32 8.25
CA ILE A 15 20.61 8.82 7.16
C ILE A 15 21.45 9.12 5.91
N THR A 16 22.45 10.02 6.03
CA THR A 16 23.22 10.64 4.91
C THR A 16 23.92 9.55 4.08
N SER A 17 24.72 8.69 4.71
CA SER A 17 25.24 7.43 4.13
C SER A 17 24.06 6.55 3.71
N ASN A 18 24.18 5.75 2.64
CA ASN A 18 23.07 4.84 2.22
C ASN A 18 22.97 3.67 3.21
N CYS A 19 22.16 3.89 4.24
CA CYS A 19 21.71 2.89 5.24
C CYS A 19 20.21 2.58 5.04
N ILE A 20 19.59 3.15 3.99
CA ILE A 20 18.10 3.11 3.77
C ILE A 20 17.86 2.67 2.32
N ILE A 21 17.31 1.46 2.16
CA ILE A 21 17.03 0.81 0.84
C ILE A 21 15.50 0.77 0.58
N GLU A 22 15.08 0.83 -0.69
CA GLU A 22 13.69 1.17 -1.10
C GLU A 22 12.88 -0.08 -1.40
N THR A 23 13.47 -1.25 -1.13
CA THR A 23 12.85 -2.60 -1.27
C THR A 23 12.81 -3.24 0.12
N PRO A 24 11.89 -4.20 0.38
CA PRO A 24 11.78 -4.79 1.72
C PRO A 24 13.02 -5.53 2.24
N LEU A 25 13.25 -5.50 3.56
CA LEU A 25 14.34 -6.23 4.25
C LEU A 25 13.70 -7.09 5.32
N GLN A 26 14.13 -8.34 5.48
CA GLN A 26 13.69 -9.22 6.58
C GLN A 26 14.51 -8.86 7.83
N PRO A 27 13.89 -8.62 9.02
CA PRO A 27 14.68 -8.43 10.22
C PRO A 27 15.41 -9.71 10.64
N SER A 28 16.41 -9.53 11.49
CA SER A 28 17.00 -10.63 12.30
C SER A 28 15.87 -11.40 12.99
N ASP A 29 16.01 -12.70 13.14
CA ASP A 29 15.00 -13.53 13.80
C ASP A 29 14.78 -13.03 15.25
N PHE A 30 13.56 -13.13 15.72
CA PHE A 30 13.21 -12.93 17.14
C PHE A 30 14.01 -13.91 18.01
N LEU A 31 14.66 -13.41 19.07
CA LEU A 31 15.48 -14.20 20.06
C LEU A 31 14.58 -14.50 21.26
N PRO A 32 14.07 -15.75 21.45
CA PRO A 32 13.20 -16.07 22.59
C PRO A 32 13.91 -15.79 23.92
N LYS A 33 13.13 -15.38 24.93
CA LYS A 33 13.59 -15.02 26.31
C LYS A 33 14.74 -14.00 26.25
N SER A 34 14.76 -13.11 25.24
CA SER A 34 15.67 -11.95 25.15
C SER A 34 14.78 -10.70 25.10
N ALA A 35 15.31 -9.55 25.50
CA ALA A 35 14.60 -8.27 25.33
C ALA A 35 14.73 -7.82 23.87
N ASN A 36 15.63 -8.42 23.07
CA ASN A 36 15.78 -8.04 21.63
C ASN A 36 16.04 -6.54 21.50
N LEU A 37 16.84 -5.98 22.40
CA LEU A 37 17.08 -4.51 22.40
C LEU A 37 18.04 -4.13 21.27
N PHE A 38 18.87 -5.05 20.83
CA PHE A 38 19.78 -4.76 19.71
C PHE A 38 18.92 -4.64 18.45
N PRO A 39 19.24 -3.68 17.56
CA PRO A 39 18.48 -3.44 16.33
C PRO A 39 18.32 -4.73 15.52
N LYS A 40 17.08 -5.00 15.11
CA LYS A 40 16.72 -6.14 14.25
C LYS A 40 17.05 -5.83 12.78
N PHE A 41 17.31 -4.57 12.42
CA PHE A 41 17.82 -4.14 11.11
C PHE A 41 19.16 -3.45 11.33
N PRO A 42 20.18 -4.23 11.73
CA PRO A 42 21.42 -3.62 12.23
C PRO A 42 22.32 -2.90 11.24
N GLU A 43 22.30 -3.30 9.95
CA GLU A 43 23.24 -2.76 8.94
C GLU A 43 22.54 -1.72 8.08
N ARG A 44 21.23 -1.89 7.90
CA ARG A 44 20.44 -0.98 7.05
C ARG A 44 18.96 -1.25 7.31
N ILE A 45 18.17 -0.23 7.03
CA ILE A 45 16.68 -0.31 7.15
C ILE A 45 16.14 -0.08 5.74
N SER A 46 14.94 -0.56 5.51
CA SER A 46 14.18 -0.28 4.27
C SER A 46 13.28 0.94 4.48
N VAL A 47 12.74 1.51 3.40
CA VAL A 47 11.74 2.59 3.50
C VAL A 47 10.53 2.16 4.32
N ASP A 48 10.28 0.85 4.47
CA ASP A 48 9.05 0.37 5.17
C ASP A 48 9.34 0.01 6.64
N SER A 49 10.59 -0.28 6.92
CA SER A 49 10.98 -0.95 8.19
C SER A 49 10.98 0.09 9.32
N TRP A 50 10.72 -0.37 10.51
CA TRP A 50 10.76 0.57 11.65
C TRP A 50 11.19 -0.19 12.89
N GLU A 51 11.83 0.54 13.79
CA GLU A 51 12.21 0.01 15.12
C GLU A 51 11.96 1.11 16.15
N LEU A 52 11.51 0.70 17.29
CA LEU A 52 11.06 1.59 18.39
C LEU A 52 11.69 1.13 19.70
N TRP A 53 12.18 2.14 20.44
CA TRP A 53 12.59 2.08 21.87
C TRP A 53 11.90 3.27 22.55
N GLU A 54 10.91 2.95 23.33
CA GLU A 54 10.01 3.99 23.91
C GLU A 54 10.06 3.87 25.46
N PHE A 55 10.07 5.04 26.11
CA PHE A 55 10.21 5.19 27.58
C PHE A 55 9.25 6.30 28.00
N ASP A 56 8.21 5.91 28.70
CA ASP A 56 7.11 6.85 29.10
C ASP A 56 7.00 6.87 30.63
N THR A 57 6.69 8.04 31.19
CA THR A 57 6.58 8.24 32.66
C THR A 57 5.39 9.13 32.98
N PHE A 58 4.86 8.97 34.18
CA PHE A 58 3.83 9.88 34.72
C PHE A 58 3.90 9.80 36.24
N ASP A 59 3.38 10.81 36.92
CA ASP A 59 3.44 10.79 38.40
C ASP A 59 2.28 9.98 38.98
N THR A 60 2.31 9.69 40.28
CA THR A 60 1.23 8.93 40.98
C THR A 60 -0.07 9.77 41.06
N ASN A 61 -0.04 11.09 40.86
CA ASN A 61 -1.23 11.98 41.02
C ASN A 61 -1.88 12.21 39.65
N GLY A 62 -1.33 11.65 38.58
CA GLY A 62 -1.90 11.84 37.22
C GLY A 62 -1.93 13.30 36.84
N SER A 63 -0.87 14.06 37.18
CA SER A 63 -0.74 15.51 36.87
C SER A 63 0.46 15.85 35.99
N VAL A 64 1.44 14.95 35.80
CA VAL A 64 2.73 15.21 35.11
C VAL A 64 2.96 13.98 34.22
N ALA A 65 3.33 14.23 32.97
CA ALA A 65 3.76 13.14 32.08
C ALA A 65 5.00 13.58 31.33
N PHE A 66 5.81 12.59 30.92
CA PHE A 66 7.00 12.82 30.09
C PHE A 66 7.27 11.49 29.36
N GLY A 67 7.28 11.59 28.05
CA GLY A 67 7.52 10.40 27.20
C GLY A 67 8.53 10.70 26.15
N CYS A 68 9.31 9.69 25.80
CA CYS A 68 10.28 9.72 24.72
C CYS A 68 10.13 8.44 23.90
N SER A 69 9.83 8.59 22.62
CA SER A 69 9.92 7.48 21.62
C SER A 69 11.10 7.71 20.70
N LEU A 70 12.05 6.77 20.67
CA LEU A 70 13.21 6.80 19.76
C LEU A 70 12.92 5.79 18.64
N TYR A 71 13.02 6.29 17.43
CA TYR A 71 12.74 5.47 16.22
C TYR A 71 13.99 5.32 15.38
N ARG A 72 14.08 4.15 14.70
CA ARG A 72 14.82 4.04 13.43
C ARG A 72 13.83 3.72 12.33
N ASP A 73 13.68 4.64 11.41
CA ASP A 73 12.81 4.47 10.24
C ASP A 73 13.26 5.55 9.25
N ALA A 74 12.60 5.57 8.10
CA ALA A 74 12.89 6.53 7.02
C ALA A 74 11.98 7.77 7.10
N ARG A 75 11.09 7.90 8.09
CA ARG A 75 10.03 8.95 8.12
C ARG A 75 10.65 10.36 8.16
N GLY A 76 11.84 10.51 8.74
CA GLY A 76 12.42 11.84 9.05
C GLY A 76 13.59 12.17 8.16
N VAL A 77 13.87 11.37 7.15
CA VAL A 77 15.05 11.57 6.27
C VAL A 77 15.06 13.00 5.70
N GLU A 78 13.94 13.49 5.16
CA GLU A 78 13.96 14.78 4.42
C GLU A 78 13.99 15.92 5.44
N GLN A 79 13.76 15.61 6.71
CA GLN A 79 13.95 16.54 7.87
C GLN A 79 15.30 16.31 8.54
N GLY A 80 16.21 15.53 7.93
CA GLY A 80 17.65 15.48 8.26
C GLY A 80 18.05 14.42 9.30
N GLY A 81 17.14 13.54 9.75
CA GLY A 81 17.58 12.56 10.76
C GLY A 81 16.61 11.42 11.00
N PHE A 82 16.99 10.57 11.96
CA PHE A 82 16.07 9.69 12.72
C PHE A 82 15.26 10.52 13.71
N HIS A 83 14.00 10.16 13.92
CA HIS A 83 13.07 10.97 14.74
C HIS A 83 12.98 10.41 16.17
N ALA A 84 12.93 11.32 17.13
CA ALA A 84 12.59 11.07 18.53
C ALA A 84 11.38 11.95 18.86
N GLU A 85 10.35 11.40 19.47
CA GLU A 85 9.12 12.14 19.84
C GLU A 85 9.21 12.40 21.34
N VAL A 86 9.23 13.67 21.75
CA VAL A 86 9.32 14.04 23.19
C VAL A 86 8.08 14.84 23.53
N ASN A 87 7.35 14.38 24.52
CA ASN A 87 6.09 14.99 25.00
C ASN A 87 6.10 15.14 26.52
N ALA A 88 5.64 16.31 26.99
CA ALA A 88 5.56 16.62 28.44
C ALA A 88 4.28 17.38 28.76
N LEU A 89 3.72 17.12 29.92
CA LEU A 89 2.55 17.84 30.49
C LEU A 89 2.88 18.26 31.92
N TRP A 90 2.57 19.52 32.22
CA TRP A 90 2.72 20.13 33.57
C TRP A 90 1.35 20.15 34.24
N PRO A 91 1.32 20.26 35.59
CA PRO A 91 0.06 20.30 36.33
C PRO A 91 -0.90 21.45 36.01
N ASP A 92 -0.43 22.52 35.40
CA ASP A 92 -1.30 23.65 35.01
C ASP A 92 -1.95 23.37 33.65
N GLY A 93 -1.62 22.23 33.03
CA GLY A 93 -2.18 21.86 31.72
C GLY A 93 -1.31 22.33 30.57
N THR A 94 -0.18 23.01 30.82
CA THR A 94 0.78 23.40 29.77
C THR A 94 1.44 22.13 29.22
N HIS A 95 1.65 22.07 27.90
CA HIS A 95 2.31 20.90 27.26
C HIS A 95 3.47 21.38 26.39
N TRP A 96 4.41 20.47 26.15
CA TRP A 96 5.55 20.69 25.23
C TRP A 96 5.61 19.41 24.39
N GLY A 97 5.71 19.54 23.08
CA GLY A 97 5.70 18.37 22.19
C GLY A 97 6.52 18.66 20.98
N GLU A 98 7.56 17.88 20.72
CA GLU A 98 8.35 18.13 19.49
C GLU A 98 8.81 16.80 18.92
N THR A 99 8.90 16.78 17.59
CA THR A 99 9.73 15.78 16.90
C THR A 99 11.12 16.38 16.79
N LEU A 100 12.10 15.62 17.29
CA LEU A 100 13.54 15.96 17.27
C LEU A 100 14.25 15.06 16.25
N TYR A 101 15.13 15.62 15.42
CA TYR A 101 15.79 14.87 14.32
C TYR A 101 17.27 14.72 14.61
N PHE A 102 17.81 13.52 14.37
CA PHE A 102 19.21 13.19 14.68
C PHE A 102 19.79 12.42 13.51
N ALA A 103 20.90 12.92 12.97
CA ALA A 103 21.55 12.38 11.75
C ALA A 103 22.00 10.94 12.03
N VAL A 104 22.47 10.64 13.24
CA VAL A 104 23.15 9.35 13.55
C VAL A 104 22.35 8.66 14.66
N SER A 105 22.08 7.37 14.52
CA SER A 105 21.53 6.50 15.59
C SER A 105 22.51 5.35 15.79
N GLU A 106 23.01 5.16 17.01
CA GLU A 106 23.97 4.08 17.34
C GLU A 106 23.40 3.27 18.49
N VAL A 107 23.39 1.95 18.38
CA VAL A 107 22.97 1.02 19.46
C VAL A 107 24.08 -0.03 19.62
N VAL A 108 24.53 -0.22 20.84
CA VAL A 108 25.66 -1.14 21.14
C VAL A 108 25.15 -2.12 22.18
N GLU A 109 25.72 -3.32 22.12
CA GLU A 109 25.64 -4.29 23.22
C GLU A 109 27.07 -4.40 23.78
N ASN A 110 27.23 -4.21 25.09
CA ASN A 110 28.55 -4.14 25.79
C ASN A 110 28.89 -5.51 26.36
N SER A 111 30.20 -5.79 26.56
CA SER A 111 30.72 -7.06 27.12
C SER A 111 30.05 -7.38 28.48
N ASP A 112 29.66 -6.35 29.25
CA ASP A 112 28.98 -6.50 30.57
C ASP A 112 27.50 -6.88 30.36
N GLY A 113 27.00 -6.87 29.11
CA GLY A 113 25.64 -7.31 28.76
C GLY A 113 24.66 -6.15 28.76
N THR A 114 25.12 -4.93 29.06
CA THR A 114 24.27 -3.70 29.00
C THR A 114 24.06 -3.33 27.53
N THR A 115 22.98 -2.59 27.25
CA THR A 115 22.67 -2.06 25.91
C THR A 115 22.70 -0.54 26.00
N GLY A 116 23.39 0.11 25.08
CA GLY A 116 23.47 1.57 24.97
C GLY A 116 22.90 2.04 23.66
N GLY A 117 22.21 3.19 23.67
CA GLY A 117 21.70 3.82 22.44
C GLY A 117 22.01 5.27 22.46
N LYS A 118 22.29 5.84 21.29
CA LYS A 118 22.61 7.26 21.15
C LYS A 118 22.01 7.75 19.83
N TRP A 119 21.11 8.73 19.92
CA TRP A 119 20.60 9.51 18.77
C TRP A 119 21.39 10.83 18.79
N LEU A 120 22.18 11.09 17.75
CA LEU A 120 23.25 12.13 17.79
C LEU A 120 23.05 13.10 16.65
N SER A 121 23.03 14.39 16.97
CA SER A 121 22.85 15.50 16.00
C SER A 121 24.21 16.04 15.55
N LYS A 122 24.22 16.73 14.41
CA LYS A 122 25.44 17.34 13.81
C LYS A 122 26.00 18.38 14.77
N ASP A 123 25.12 19.11 15.46
CA ASP A 123 25.45 20.20 16.43
C ASP A 123 25.90 19.64 17.79
N GLY A 124 26.04 18.32 17.93
CA GLY A 124 26.54 17.67 19.16
C GLY A 124 25.43 17.27 20.14
N GLY A 125 24.20 17.76 19.94
CA GLY A 125 23.04 17.40 20.78
C GLY A 125 22.72 15.92 20.65
N SER A 126 22.17 15.31 21.69
CA SER A 126 21.97 13.85 21.72
C SER A 126 20.87 13.48 22.70
N ILE A 127 20.25 12.33 22.44
CA ILE A 127 19.50 11.54 23.45
C ILE A 127 20.15 10.18 23.55
N THR A 128 20.46 9.73 24.75
CA THR A 128 21.11 8.43 24.96
C THR A 128 20.25 7.60 25.89
N PHE A 129 20.32 6.28 25.75
CA PHE A 129 19.74 5.33 26.73
C PHE A 129 20.80 4.32 27.14
N HIS A 130 20.61 3.76 28.33
CA HIS A 130 21.49 2.69 28.85
C HIS A 130 20.61 1.73 29.61
N ILE A 131 20.62 0.45 29.23
CA ILE A 131 19.74 -0.56 29.82
C ILE A 131 20.55 -1.68 30.47
N ALA A 132 20.12 -2.10 31.66
CA ALA A 132 20.81 -3.14 32.47
C ALA A 132 20.82 -4.45 31.68
N SER A 133 21.84 -5.29 31.93
CA SER A 133 21.95 -6.64 31.31
C SER A 133 20.74 -7.48 31.69
N ASP A 134 20.12 -7.26 32.85
CA ASP A 134 18.95 -8.07 33.28
C ASP A 134 17.65 -7.27 33.10
N TYR A 135 17.75 -6.10 32.43
CA TYR A 135 16.59 -5.27 32.02
C TYR A 135 15.85 -4.67 33.24
N THR A 136 16.50 -4.59 34.41
CA THR A 136 15.83 -4.09 35.63
C THR A 136 15.97 -2.56 35.77
N ALA A 137 16.73 -1.88 34.93
CA ALA A 137 16.97 -0.43 35.01
C ALA A 137 17.26 0.11 33.62
N ALA A 138 16.80 1.33 33.36
CA ALA A 138 17.11 2.07 32.14
C ALA A 138 17.32 3.52 32.53
N ALA A 139 18.28 4.17 31.88
CA ALA A 139 18.59 5.60 32.09
C ALA A 139 18.58 6.26 30.72
N LEU A 140 17.89 7.39 30.61
CA LEU A 140 18.01 8.23 29.42
C LEU A 140 18.69 9.53 29.82
N ASP A 141 19.50 10.07 28.92
CA ASP A 141 20.11 11.41 29.11
C ASP A 141 19.72 12.23 27.90
N PHE A 142 19.08 13.39 28.14
CA PHE A 142 18.72 14.38 27.09
C PHE A 142 19.73 15.52 27.16
N ASN A 143 20.35 15.82 26.03
CA ASN A 143 21.25 16.97 25.83
C ASN A 143 20.95 17.56 24.45
N VAL A 144 19.84 18.26 24.34
CA VAL A 144 19.40 18.85 23.05
C VAL A 144 19.39 20.36 23.23
N PRO A 145 20.45 21.07 22.80
CA PRO A 145 20.59 22.48 23.11
C PRO A 145 19.39 23.23 22.51
N GLY A 146 18.87 24.20 23.27
CA GLY A 146 17.73 25.05 22.89
C GLY A 146 16.39 24.34 23.03
N LYS A 147 16.36 23.05 23.39
CA LYS A 147 15.11 22.26 23.42
C LYS A 147 14.87 21.68 24.81
N VAL A 148 15.69 20.71 25.20
CA VAL A 148 15.44 19.94 26.45
C VAL A 148 16.75 19.30 26.90
N SER A 149 16.97 19.36 28.20
CA SER A 149 18.09 18.66 28.86
C SER A 149 17.55 17.95 30.08
N GLY A 150 18.17 16.85 30.44
CA GLY A 150 17.87 16.23 31.72
C GLY A 150 18.01 14.75 31.64
N THR A 151 17.39 14.06 32.59
CA THR A 151 17.58 12.61 32.78
C THR A 151 16.25 11.96 33.12
N MET A 152 16.11 10.70 32.69
CA MET A 152 14.95 9.86 33.04
C MET A 152 15.47 8.52 33.53
N GLU A 153 14.82 7.91 34.50
CA GLU A 153 15.23 6.59 35.01
C GLU A 153 13.99 5.73 35.17
N LEU A 154 14.06 4.44 34.78
CA LEU A 154 13.01 3.43 34.99
C LEU A 154 13.66 2.28 35.71
N ARG A 155 13.07 1.80 36.80
CA ARG A 155 13.65 0.69 37.59
C ARG A 155 12.56 -0.31 37.91
N ASN A 156 12.86 -1.59 37.72
CA ASN A 156 12.01 -2.75 38.06
C ASN A 156 12.53 -3.26 39.40
N HIS A 157 11.66 -3.31 40.41
CA HIS A 157 11.99 -3.76 41.80
C HIS A 157 11.26 -5.07 42.11
N ALA A 158 10.81 -5.82 41.10
CA ALA A 158 9.96 -7.03 41.23
C ALA A 158 10.81 -8.17 41.80
N ASN A 159 10.18 -9.06 42.60
CA ASN A 159 10.77 -10.32 43.10
C ASN A 159 11.14 -11.21 41.91
N VAL A 160 10.21 -11.31 40.96
CA VAL A 160 10.34 -12.13 39.72
C VAL A 160 11.06 -11.30 38.65
N SER A 161 12.13 -11.86 38.06
CA SER A 161 13.03 -11.14 37.12
C SER A 161 12.23 -10.80 35.86
N PRO A 162 12.53 -9.64 35.24
CA PRO A 162 12.04 -9.38 33.87
C PRO A 162 12.28 -10.58 32.95
N THR A 163 13.46 -11.21 33.05
CA THR A 163 13.84 -12.34 32.17
C THR A 163 12.75 -13.43 32.23
N SER A 164 12.24 -13.78 33.41
CA SER A 164 11.26 -14.89 33.56
C SER A 164 9.96 -14.58 32.81
N ASN A 165 9.67 -13.30 32.51
CA ASN A 165 8.39 -12.91 31.87
C ASN A 165 8.58 -12.67 30.36
N LEU A 166 9.81 -12.67 29.84
CA LEU A 166 10.11 -12.38 28.39
C LEU A 166 9.37 -13.40 27.52
N PRO A 167 8.90 -13.02 26.30
CA PRO A 167 8.21 -13.97 25.45
C PRO A 167 9.18 -15.07 25.02
N ALA A 168 8.65 -16.28 24.91
CA ALA A 168 9.40 -17.53 24.70
C ALA A 168 9.21 -17.99 23.25
N SER A 169 8.38 -17.28 22.47
CA SER A 169 8.08 -17.62 21.06
C SER A 169 7.72 -16.36 20.27
N ASP A 170 7.82 -16.45 18.95
CA ASP A 170 7.41 -15.35 18.04
C ASP A 170 5.97 -14.98 18.34
N ALA A 171 5.08 -15.96 18.47
CA ALA A 171 3.64 -15.71 18.68
C ALA A 171 3.42 -14.87 19.96
N GLU A 172 4.19 -15.09 21.04
CA GLU A 172 4.03 -14.27 22.29
C GLU A 172 4.66 -12.89 22.12
N ALA A 173 5.50 -12.67 21.10
CA ALA A 173 6.18 -11.36 20.89
C ALA A 173 5.43 -10.54 19.82
N GLN A 174 4.48 -11.17 19.15
CA GLN A 174 3.82 -10.53 17.95
C GLN A 174 2.45 -9.93 18.28
N LEU A 175 2.22 -8.79 17.65
CA LEU A 175 0.87 -8.22 17.44
C LEU A 175 0.15 -9.01 16.36
N CYS A 176 0.86 -9.26 15.27
CA CYS A 176 0.34 -9.96 14.07
C CYS A 176 1.56 -10.44 13.33
N PRO A 177 1.43 -11.21 12.22
CA PRO A 177 2.63 -11.78 11.63
C PRO A 177 3.59 -10.67 11.20
N GLY A 178 4.83 -10.78 11.65
CA GLY A 178 5.90 -9.86 11.30
C GLY A 178 5.86 -8.54 12.05
N VAL A 179 4.93 -8.35 12.98
CA VAL A 179 4.90 -7.08 13.79
C VAL A 179 5.18 -7.43 15.27
N TYR A 180 6.35 -7.05 15.78
CA TYR A 180 6.80 -7.40 17.13
C TYR A 180 6.57 -6.21 18.05
N TYR A 181 5.96 -6.47 19.20
CA TYR A 181 5.69 -5.40 20.18
C TYR A 181 5.84 -6.03 21.54
N THR A 182 6.76 -5.50 22.33
CA THR A 182 7.16 -6.15 23.60
C THR A 182 7.33 -5.12 24.68
N PHE A 183 7.28 -5.63 25.91
CA PHE A 183 7.34 -4.82 27.15
C PHE A 183 8.36 -5.47 28.09
N PRO A 184 9.65 -5.41 27.75
CA PRO A 184 10.64 -6.27 28.42
C PRO A 184 10.94 -5.89 29.88
N MET A 185 10.67 -4.66 30.31
CA MET A 185 11.00 -4.23 31.70
C MET A 185 9.86 -4.58 32.65
N GLY A 186 8.64 -4.79 32.16
CA GLY A 186 7.47 -4.99 33.01
C GLY A 186 7.28 -3.79 33.93
N PRO A 187 6.75 -3.98 35.15
CA PRO A 187 6.46 -2.88 36.07
C PRO A 187 7.70 -2.13 36.53
N VAL A 188 7.63 -0.80 36.42
CA VAL A 188 8.79 0.10 36.69
C VAL A 188 8.35 1.29 37.55
N ALA A 189 9.25 1.69 38.43
CA ALA A 189 9.18 3.00 39.12
C ALA A 189 9.98 3.97 38.28
N THR A 190 9.52 5.20 38.18
CA THR A 190 10.16 6.15 37.27
C THR A 190 10.59 7.47 37.94
N SER A 191 11.54 8.14 37.32
CA SER A 191 11.89 9.54 37.72
C SER A 191 12.31 10.30 36.49
N VAL A 192 12.12 11.60 36.53
CA VAL A 192 12.51 12.54 35.46
C VAL A 192 13.00 13.80 36.17
N THR A 193 14.13 14.33 35.73
CA THR A 193 14.53 15.71 36.02
C THR A 193 14.89 16.35 34.69
N ALA A 194 14.12 17.32 34.23
CA ALA A 194 14.33 17.90 32.89
C ALA A 194 14.10 19.40 32.90
N THR A 195 14.77 20.07 31.99
CA THR A 195 14.62 21.52 31.79
C THR A 195 14.34 21.73 30.33
N PHE A 196 13.30 22.50 30.03
CA PHE A 196 12.89 22.82 28.63
C PHE A 196 13.15 24.31 28.44
N SER A 197 13.85 24.69 27.38
CA SER A 197 14.23 26.07 27.02
C SER A 197 13.02 27.01 26.86
N SER A 198 11.98 26.59 26.13
CA SER A 198 10.81 27.44 25.81
C SER A 198 9.53 26.62 26.02
N VAL A 199 8.69 27.03 26.96
CA VAL A 199 7.43 26.31 27.33
C VAL A 199 6.29 27.33 27.37
N GLY A 200 5.19 27.01 26.68
CA GLY A 200 3.92 27.75 26.74
C GLY A 200 3.94 28.98 25.86
N ALA A 201 2.83 29.71 25.85
CA ALA A 201 2.61 30.97 25.09
C ALA A 201 3.76 31.96 25.33
N ASN A 202 4.21 32.14 26.57
CA ASN A 202 5.26 33.11 26.96
C ASN A 202 6.67 32.63 26.55
N GLY A 203 6.84 31.34 26.26
CA GLY A 203 8.13 30.77 25.80
C GLY A 203 9.22 30.85 26.86
N GLU A 204 8.85 30.90 28.14
CA GLU A 204 9.81 30.90 29.28
C GLU A 204 10.29 29.46 29.53
N SER A 205 11.52 29.30 30.03
CA SER A 205 12.09 27.99 30.42
C SER A 205 11.25 27.41 31.57
N ARG A 206 11.14 26.08 31.66
CA ARG A 206 10.41 25.38 32.74
C ARG A 206 11.15 24.07 33.02
N GLU A 207 11.15 23.69 34.29
CA GLU A 207 11.66 22.40 34.77
C GLU A 207 10.49 21.46 35.01
N LEU A 208 10.75 20.17 34.82
CA LEU A 208 9.74 19.11 35.06
C LEU A 208 10.39 18.07 35.94
N PHE A 209 9.65 17.62 36.93
CA PHE A 209 10.14 16.60 37.86
C PHE A 209 9.07 15.56 38.08
N ILE A 210 9.47 14.29 38.05
CA ILE A 210 8.71 13.11 38.49
C ILE A 210 9.63 12.31 39.38
N SER A 211 9.07 11.71 40.42
CA SER A 211 9.85 10.84 41.31
C SER A 211 8.94 9.77 41.91
N SER A 212 9.39 8.50 41.92
CA SER A 212 8.59 7.36 42.38
C SER A 212 7.29 7.38 41.58
N GLY A 213 7.44 7.66 40.27
CA GLY A 213 6.31 7.63 39.33
C GLY A 213 6.13 6.25 38.69
N TYR A 214 5.23 6.18 37.73
CA TYR A 214 4.87 4.96 37.01
C TYR A 214 5.23 5.17 35.56
N GLY A 215 4.95 4.15 34.74
CA GLY A 215 5.25 4.23 33.31
C GLY A 215 5.65 2.88 32.75
N GLY A 216 6.44 2.93 31.69
CA GLY A 216 6.81 1.66 31.05
C GLY A 216 7.62 1.85 29.81
N MET A 217 8.17 0.73 29.36
CA MET A 217 9.11 0.68 28.23
C MET A 217 8.50 -0.21 27.16
N VAL A 218 8.62 0.27 25.92
CA VAL A 218 8.19 -0.56 24.75
C VAL A 218 9.39 -0.76 23.82
N ARG A 219 9.50 -1.96 23.33
CA ARG A 219 10.48 -2.36 22.29
C ARG A 219 9.64 -2.97 21.15
N GLY A 220 9.62 -2.34 19.98
CA GLY A 220 8.92 -2.96 18.86
C GLY A 220 9.68 -2.79 17.56
N TRP A 221 9.30 -3.61 16.58
CA TRP A 221 9.93 -3.53 15.23
C TRP A 221 9.05 -4.27 14.22
N SER A 222 9.20 -3.88 12.95
CA SER A 222 8.57 -4.64 11.86
C SER A 222 9.18 -4.22 10.54
N ALA A 223 9.11 -5.14 9.59
CA ALA A 223 9.25 -4.79 8.17
C ALA A 223 7.96 -4.21 7.60
N ARG A 224 6.84 -4.35 8.26
CA ARG A 224 5.52 -3.97 7.75
C ARG A 224 5.18 -2.56 8.18
N PRO A 225 4.88 -1.64 7.27
CA PRO A 225 4.48 -0.32 7.68
C PRO A 225 3.09 -0.26 8.33
N TRP A 226 2.85 0.70 9.21
CA TRP A 226 1.63 0.75 10.03
C TRP A 226 0.34 0.71 9.19
N PRO A 227 0.19 1.51 8.11
CA PRO A 227 -1.06 1.44 7.33
C PRO A 227 -1.40 0.06 6.75
N THR A 228 -0.46 -0.87 6.64
CA THR A 228 -0.74 -2.22 6.06
C THR A 228 -1.38 -3.10 7.14
N PHE A 229 -1.40 -2.73 8.43
CA PHE A 229 -1.99 -3.60 9.46
C PHE A 229 -2.92 -2.87 10.42
N MET A 230 -3.08 -1.56 10.29
CA MET A 230 -3.99 -0.82 11.18
C MET A 230 -4.51 0.47 10.56
N ASN A 231 -5.64 0.94 11.07
CA ASN A 231 -6.04 2.36 10.86
C ASN A 231 -6.45 2.99 12.18
N ASP A 232 -6.40 2.28 13.30
CA ASP A 232 -6.78 2.87 14.60
C ASP A 232 -5.97 2.08 15.62
N ALA A 233 -5.46 2.76 16.62
CA ALA A 233 -4.64 2.08 17.66
C ALA A 233 -4.89 2.80 18.99
N TYR A 234 -4.78 2.02 20.06
CA TYR A 234 -4.78 2.54 21.46
C TYR A 234 -3.63 1.85 22.18
N TYR A 235 -2.85 2.65 22.91
CA TYR A 235 -1.73 2.16 23.74
C TYR A 235 -1.95 2.79 25.13
N VAL A 236 -1.79 2.00 26.18
CA VAL A 236 -1.73 2.62 27.54
C VAL A 236 -0.77 1.79 28.44
N VAL A 237 -0.11 2.51 29.34
CA VAL A 237 0.66 1.92 30.47
C VAL A 237 0.00 2.54 31.70
N ALA A 238 -0.25 1.72 32.68
CA ALA A 238 -1.04 2.17 33.85
C ALA A 238 -0.67 1.40 35.11
N GLN A 239 -0.96 2.05 36.23
CA GLN A 239 -0.90 1.44 37.58
C GLN A 239 -2.28 1.68 38.22
N VAL A 240 -2.92 0.60 38.64
CA VAL A 240 -4.28 0.60 39.27
C VAL A 240 -4.18 -0.24 40.54
N GLY A 241 -3.99 0.45 41.66
CA GLY A 241 -3.62 -0.24 42.91
C GLY A 241 -2.42 -1.14 42.65
N PRO A 242 -2.53 -2.45 42.92
CA PRO A 242 -1.38 -3.34 42.78
C PRO A 242 -1.16 -3.79 41.34
N TYR A 243 -2.09 -3.44 40.43
CA TYR A 243 -2.03 -3.90 39.01
C TYR A 243 -1.18 -2.95 38.23
N MET A 244 -0.34 -3.50 37.36
CA MET A 244 0.38 -2.71 36.34
C MET A 244 -0.02 -3.33 35.01
N LEU A 245 -0.46 -2.51 34.09
CA LEU A 245 -0.95 -3.06 32.81
C LEU A 245 -0.32 -2.24 31.70
N GLN A 246 -0.13 -2.93 30.57
CA GLN A 246 0.43 -2.33 29.36
C GLN A 246 -0.26 -3.02 28.19
N ILE A 247 -0.77 -2.25 27.24
CA ILE A 247 -1.51 -2.86 26.12
C ILE A 247 -1.37 -1.98 24.90
N LEU A 248 -1.15 -2.64 23.74
CA LEU A 248 -1.36 -1.99 22.42
C LEU A 248 -2.51 -2.77 21.78
N ARG A 249 -3.51 -2.07 21.26
CA ARG A 249 -4.62 -2.74 20.54
C ARG A 249 -4.73 -2.01 19.20
N THR A 250 -4.69 -2.74 18.09
CA THR A 250 -4.91 -2.10 16.76
C THR A 250 -6.21 -2.61 16.16
N LEU A 251 -6.85 -1.73 15.40
CA LEU A 251 -8.00 -2.11 14.54
C LEU A 251 -7.54 -2.04 13.10
N GLY A 252 -7.86 -3.09 12.33
CA GLY A 252 -7.21 -3.28 11.04
C GLY A 252 -7.74 -2.35 9.95
N SER A 253 -6.81 -2.07 9.05
CA SER A 253 -7.13 -1.47 7.75
C SER A 253 -7.66 -2.56 6.82
N VAL A 254 -8.14 -2.08 5.68
CA VAL A 254 -8.59 -3.00 4.57
C VAL A 254 -7.48 -4.01 4.26
N PHE A 255 -6.20 -3.69 4.40
CA PHE A 255 -5.07 -4.58 4.04
C PHE A 255 -4.95 -5.83 4.94
N VAL A 256 -5.56 -5.83 6.14
CA VAL A 256 -5.67 -7.05 6.99
C VAL A 256 -7.16 -7.35 7.21
N GLN A 257 -8.01 -7.03 6.24
CA GLN A 257 -9.47 -7.32 6.27
C GLN A 257 -10.10 -6.87 7.59
N HIS A 258 -9.62 -5.72 8.09
CA HIS A 258 -10.18 -5.04 9.28
C HIS A 258 -10.04 -5.92 10.55
N LYS A 259 -9.06 -6.82 10.59
CA LYS A 259 -8.91 -7.65 11.80
C LYS A 259 -8.29 -6.82 12.92
N PRO A 260 -8.73 -7.07 14.17
CA PRO A 260 -8.09 -6.45 15.33
C PRO A 260 -6.96 -7.30 15.89
N PHE A 261 -5.98 -6.66 16.50
CA PHE A 261 -4.77 -7.31 17.04
C PHE A 261 -4.46 -6.66 18.39
N ALA A 262 -3.80 -7.40 19.28
CA ALA A 262 -3.40 -6.83 20.58
C ALA A 262 -2.21 -7.52 21.18
N VAL A 263 -1.39 -6.74 21.85
CA VAL A 263 -0.37 -7.29 22.79
C VAL A 263 -0.66 -6.66 24.16
N ALA A 264 -0.86 -7.49 25.21
CA ALA A 264 -1.30 -6.93 26.51
C ALA A 264 -0.68 -7.76 27.64
N ARG A 265 -0.30 -7.08 28.70
CA ARG A 265 0.29 -7.77 29.87
C ARG A 265 -0.37 -7.16 31.12
N LEU A 266 -0.62 -8.00 32.11
CA LEU A 266 -1.17 -7.51 33.38
C LEU A 266 -0.39 -8.13 34.55
N TYR A 267 0.17 -7.28 35.39
CA TYR A 267 0.97 -7.72 36.55
C TYR A 267 0.17 -7.42 37.82
N LEU A 268 0.32 -8.29 38.82
CA LEU A 268 -0.18 -8.04 40.20
C LEU A 268 1.00 -7.95 41.16
N ASP A 269 1.23 -6.79 41.74
CA ASP A 269 2.43 -6.52 42.59
C ASP A 269 3.71 -7.11 41.98
N GLY A 270 3.98 -6.92 40.68
CA GLY A 270 5.26 -7.40 40.10
C GLY A 270 5.27 -8.84 39.59
N SER A 271 4.20 -9.62 39.79
CA SER A 271 4.00 -10.95 39.16
C SER A 271 3.12 -10.85 37.91
N LEU A 272 3.53 -11.51 36.83
CA LEU A 272 2.73 -11.55 35.58
C LEU A 272 1.55 -12.48 35.78
N VAL A 273 0.31 -11.97 35.66
CA VAL A 273 -0.92 -12.78 35.86
C VAL A 273 -1.68 -13.00 34.56
N SER A 274 -1.54 -12.13 33.56
CA SER A 274 -2.30 -12.27 32.30
C SER A 274 -1.39 -11.78 31.16
N ALA A 275 -1.16 -12.64 30.18
CA ALA A 275 -0.38 -12.26 28.97
C ALA A 275 -1.23 -12.60 27.76
N ALA A 276 -1.57 -11.59 26.97
CA ALA A 276 -2.53 -11.79 25.87
C ALA A 276 -1.92 -11.27 24.57
N ASN A 277 -2.07 -12.05 23.52
CA ASN A 277 -1.59 -11.67 22.17
C ASN A 277 -2.73 -11.91 21.19
N THR A 278 -3.95 -11.91 21.69
CA THR A 278 -5.22 -12.16 20.95
C THR A 278 -6.28 -11.21 21.48
N VAL A 279 -7.15 -10.69 20.60
CA VAL A 279 -8.25 -9.78 21.01
C VAL A 279 -9.57 -10.32 20.46
N VAL A 280 -10.58 -10.48 21.34
CA VAL A 280 -11.86 -11.21 21.06
C VAL A 280 -13.03 -10.26 20.78
N GLY A 281 -12.98 -9.00 21.23
CA GLY A 281 -13.92 -7.92 20.83
C GLY A 281 -15.04 -8.40 19.92
N GLY A 293 -1.76 -17.45 26.58
CA GLY A 293 -2.89 -17.70 25.67
C GLY A 293 -4.16 -17.02 26.16
N ASP A 294 -4.04 -15.95 26.95
CA ASP A 294 -5.22 -15.17 27.39
C ASP A 294 -5.63 -14.27 26.22
N ALA A 295 -6.74 -13.57 26.40
CA ALA A 295 -7.32 -12.68 25.38
C ALA A 295 -7.74 -11.40 26.05
N VAL A 296 -7.73 -10.32 25.27
CA VAL A 296 -8.27 -9.04 25.79
C VAL A 296 -9.50 -8.65 24.95
N ARG A 297 -10.36 -7.87 25.58
CA ARG A 297 -11.46 -7.16 24.91
C ARG A 297 -11.28 -5.69 25.24
N LEU A 298 -11.31 -4.84 24.22
CA LEU A 298 -11.19 -3.40 24.41
C LEU A 298 -12.35 -2.73 23.67
N THR A 299 -13.18 -2.03 24.39
CA THR A 299 -14.44 -1.48 23.84
C THR A 299 -14.43 0.02 24.09
N LYS A 300 -14.66 0.84 23.06
CA LYS A 300 -14.78 2.30 23.29
C LYS A 300 -16.05 2.67 24.06
N VAL A 301 -15.93 3.68 24.92
CA VAL A 301 -17.04 4.31 25.68
C VAL A 301 -17.39 5.62 24.97
N GLN A 302 -18.64 5.81 24.65
CA GLN A 302 -19.13 7.03 23.94
C GLN A 302 -19.69 8.01 24.96
N PRO A 303 -19.67 9.33 24.68
CA PRO A 303 -20.15 10.36 25.62
C PRO A 303 -21.66 10.29 25.88
N ASP A 304 -22.41 9.51 25.11
CA ASP A 304 -23.86 9.31 25.36
C ASP A 304 -24.06 8.16 26.34
N GLU A 305 -22.97 7.53 26.82
CA GLU A 305 -23.01 6.32 27.68
C GLU A 305 -22.48 6.69 29.07
N LYS A 306 -21.52 7.59 29.16
CA LYS A 306 -20.82 7.85 30.44
C LYS A 306 -20.50 9.34 30.54
N SER A 307 -20.74 9.94 31.72
CA SER A 307 -20.65 11.40 31.97
C SER A 307 -19.20 11.82 32.20
N GLN A 308 -18.31 10.90 32.57
CA GLN A 308 -16.90 11.24 32.87
C GLN A 308 -16.10 10.96 31.59
N GLY A 309 -15.09 11.77 31.33
CA GLY A 309 -14.04 11.50 30.34
C GLY A 309 -14.08 12.53 29.21
N LEU A 310 -12.91 13.04 28.84
CA LEU A 310 -12.73 13.90 27.67
C LEU A 310 -12.82 13.07 26.41
N SER A 311 -13.27 13.71 25.34
CA SER A 311 -13.00 13.18 23.98
C SER A 311 -11.83 13.94 23.36
N GLY A 312 -11.21 13.30 22.36
CA GLY A 312 -10.25 13.96 21.48
C GLY A 312 -10.94 14.92 20.53
N LYS A 313 -10.13 15.59 19.74
CA LYS A 313 -10.52 16.73 18.89
C LYS A 313 -10.83 16.30 17.47
N PHE A 314 -10.83 14.99 17.19
CA PHE A 314 -10.97 14.45 15.81
C PHE A 314 -12.25 13.66 15.70
N ARG A 315 -12.36 12.81 14.67
CA ARG A 315 -13.61 12.11 14.42
C ARG A 315 -13.90 11.01 15.46
N ASP A 316 -12.89 10.60 16.25
CA ASP A 316 -13.12 9.56 17.29
C ASP A 316 -13.64 10.28 18.53
N GLY A 317 -14.91 10.09 18.83
CA GLY A 317 -15.51 10.83 19.94
C GLY A 317 -15.45 10.09 21.25
N ASN A 318 -14.68 9.03 21.37
CA ASN A 318 -14.74 8.22 22.61
C ASN A 318 -14.24 9.06 23.79
N VAL A 319 -14.78 8.71 24.95
CA VAL A 319 -14.41 9.36 26.24
C VAL A 319 -13.71 8.34 27.11
N GLY A 320 -13.30 7.23 26.52
CA GLY A 320 -12.52 6.24 27.25
C GLY A 320 -12.77 4.85 26.72
N TYR A 321 -12.45 3.83 27.51
CA TYR A 321 -12.47 2.43 27.02
C TYR A 321 -12.83 1.53 28.21
N VAL A 322 -13.37 0.40 27.92
CA VAL A 322 -13.42 -0.74 28.90
C VAL A 322 -12.38 -1.76 28.46
N LEU A 323 -11.42 -2.09 29.32
CA LEU A 323 -10.34 -3.08 29.02
C LEU A 323 -10.60 -4.33 29.86
N GLU A 324 -10.82 -5.46 29.21
CA GLU A 324 -10.97 -6.74 29.94
C GLU A 324 -9.83 -7.71 29.58
N PHE A 325 -9.28 -8.36 30.60
CA PHE A 325 -8.33 -9.50 30.44
C PHE A 325 -9.06 -10.76 30.89
N ALA A 326 -9.05 -11.80 30.06
CA ALA A 326 -9.74 -13.07 30.37
C ALA A 326 -8.81 -14.25 30.07
N LYS A 327 -8.83 -15.29 30.91
CA LYS A 327 -8.23 -16.61 30.63
C LYS A 327 -9.31 -17.56 30.11
N LYS A 328 -8.92 -18.78 29.74
CA LYS A 328 -9.81 -19.90 29.32
C LYS A 328 -10.44 -20.54 30.56
N ASP A 329 -9.72 -20.49 31.69
CA ASP A 329 -10.14 -21.02 33.02
C ASP A 329 -10.43 -19.86 33.99
N SER A 330 -10.80 -18.68 33.48
CA SER A 330 -11.32 -17.54 34.27
C SER A 330 -12.84 -17.46 34.04
N GLU A 331 -13.60 -17.16 35.09
CA GLU A 331 -15.06 -16.89 34.98
C GLU A 331 -15.23 -15.44 34.50
N HIS A 332 -14.58 -14.48 35.17
CA HIS A 332 -14.89 -13.03 35.05
C HIS A 332 -13.67 -12.22 34.59
N GLY A 333 -12.45 -12.76 34.73
CA GLY A 333 -11.15 -12.08 34.60
C GLY A 333 -11.09 -10.72 35.25
N TRP A 334 -10.40 -9.78 34.62
CA TRP A 334 -10.15 -8.44 35.18
C TRP A 334 -10.77 -7.44 34.21
N THR A 335 -11.44 -6.45 34.77
CA THR A 335 -12.08 -5.37 33.95
C THR A 335 -11.62 -4.04 34.47
N PHE A 336 -11.17 -3.17 33.56
CA PHE A 336 -10.66 -1.84 33.92
C PHE A 336 -11.42 -0.79 33.11
N GLN A 337 -11.96 0.17 33.83
CA GLN A 337 -12.65 1.35 33.21
C GLN A 337 -11.62 2.45 33.06
N ILE A 338 -11.45 2.97 31.81
CA ILE A 338 -10.43 3.93 31.45
C ILE A 338 -11.23 5.18 31.02
N SER A 339 -10.94 6.29 31.65
CA SER A 339 -11.53 7.61 31.30
C SER A 339 -10.45 8.59 30.92
N HIS A 340 -10.59 9.31 29.80
CA HIS A 340 -9.59 10.32 29.44
C HIS A 340 -9.70 11.52 30.39
N LYS A 341 -8.64 11.82 31.12
CA LYS A 341 -8.70 12.92 32.14
C LYS A 341 -7.97 14.17 31.69
N ARG A 342 -6.74 14.08 31.22
CA ARG A 342 -5.94 15.28 30.87
C ARG A 342 -5.30 15.08 29.50
N ALA A 343 -5.44 16.06 28.61
CA ALA A 343 -4.85 16.00 27.27
C ALA A 343 -3.35 16.26 27.36
N VAL A 344 -2.54 15.44 26.70
CA VAL A 344 -1.07 15.59 26.63
C VAL A 344 -0.65 16.10 25.26
N TRP A 345 -1.14 15.52 24.15
CA TRP A 345 -0.85 15.99 22.79
C TRP A 345 -2.12 15.79 21.96
N SER A 346 -2.21 16.58 20.91
CA SER A 346 -3.27 16.44 19.91
C SER A 346 -2.73 16.91 18.58
N GLU A 347 -2.74 16.04 17.56
CA GLU A 347 -2.14 16.38 16.26
C GLU A 347 -2.99 15.72 15.19
N PRO A 348 -3.39 16.46 14.14
CA PRO A 348 -4.11 15.85 13.03
C PRO A 348 -3.25 14.87 12.22
N THR A 349 -3.94 13.89 11.61
CA THR A 349 -3.29 12.90 10.72
C THR A 349 -3.97 12.91 9.36
N SER A 350 -4.81 13.89 9.13
CA SER A 350 -5.47 14.06 7.83
C SER A 350 -5.80 15.54 7.69
N ALA A 351 -6.22 15.94 6.49
CA ALA A 351 -6.90 17.23 6.29
C ALA A 351 -8.12 17.27 7.20
N PRO A 352 -8.47 18.46 7.73
CA PRO A 352 -9.67 18.64 8.53
C PRO A 352 -10.98 18.38 7.76
N GLY A 353 -12.04 18.11 8.52
CA GLY A 353 -13.38 17.79 8.02
C GLY A 353 -14.18 16.93 8.98
N PRO A 354 -15.42 16.57 8.61
CA PRO A 354 -16.23 15.69 9.44
C PRO A 354 -15.54 14.34 9.73
N ASP A 355 -14.69 13.83 8.82
CA ASP A 355 -13.95 12.56 9.05
C ASP A 355 -12.45 12.83 9.23
N GLY A 356 -12.09 14.00 9.69
CA GLY A 356 -10.69 14.31 9.98
C GLY A 356 -10.21 13.40 11.11
N THR A 357 -9.07 12.78 10.89
CA THR A 357 -8.46 11.87 11.90
C THR A 357 -7.34 12.59 12.65
N GLY A 358 -6.92 12.01 13.78
CA GLY A 358 -5.74 12.54 14.48
C GLY A 358 -5.26 11.61 15.55
N LYS A 359 -4.33 12.12 16.31
CA LYS A 359 -3.70 11.37 17.41
C LYS A 359 -3.83 12.21 18.67
N SER A 360 -4.13 11.54 19.77
CA SER A 360 -4.47 12.18 21.06
C SER A 360 -3.73 11.39 22.15
N GLY A 361 -2.96 12.10 22.99
CA GLY A 361 -2.37 11.49 24.19
C GLY A 361 -3.06 11.96 25.44
N TRP A 362 -3.09 11.10 26.43
CA TRP A 362 -3.94 11.23 27.62
C TRP A 362 -3.16 10.87 28.86
N ILE A 363 -3.41 11.65 29.93
CA ILE A 363 -3.38 10.99 31.26
C ILE A 363 -4.77 10.41 31.48
N GLU A 364 -4.82 9.12 31.78
CA GLU A 364 -6.07 8.38 31.96
C GLU A 364 -6.35 8.23 33.46
N ALA A 365 -7.62 8.23 33.83
CA ALA A 365 -8.07 7.75 35.17
C ALA A 365 -8.58 6.33 34.95
N ILE A 366 -8.20 5.38 35.79
CA ILE A 366 -8.55 3.98 35.54
C ILE A 366 -8.94 3.35 36.85
N SER A 367 -9.89 2.46 36.82
CA SER A 367 -10.47 1.84 38.02
C SER A 367 -10.85 0.41 37.71
N GLY A 368 -10.77 -0.47 38.71
CA GLY A 368 -11.39 -1.79 38.60
C GLY A 368 -10.44 -2.86 39.14
N GLY A 369 -10.36 -3.97 38.43
CA GLY A 369 -9.66 -5.21 38.83
C GLY A 369 -10.54 -6.40 38.58
N ALA A 370 -10.38 -7.46 39.35
CA ALA A 370 -11.28 -8.62 39.30
C ALA A 370 -12.63 -8.28 39.95
N LYS A 371 -13.58 -9.19 39.81
CA LYS A 371 -14.89 -9.02 40.45
C LYS A 371 -14.68 -8.79 41.97
N GLY A 372 -15.30 -7.74 42.48
CA GLY A 372 -15.20 -7.41 43.91
C GLY A 372 -14.08 -6.44 44.19
N GLU A 373 -13.27 -6.09 43.17
CA GLU A 373 -12.17 -5.13 43.33
C GLU A 373 -12.53 -3.82 42.64
N ASN A 374 -12.11 -2.71 43.25
CA ASN A 374 -12.43 -1.33 42.79
C ASN A 374 -11.20 -0.48 43.05
N TYR A 375 -10.04 -0.96 42.58
CA TYR A 375 -8.78 -0.17 42.69
C TYR A 375 -8.87 1.05 41.77
N GLU A 376 -8.09 2.07 42.09
CA GLU A 376 -8.08 3.34 41.36
C GLU A 376 -6.64 3.73 41.06
N GLY A 377 -6.37 4.13 39.82
CA GLY A 377 -5.07 4.69 39.50
C GLY A 377 -5.13 5.46 38.19
N HIS A 378 -3.99 5.56 37.54
CA HIS A 378 -3.83 6.44 36.36
C HIS A 378 -3.02 5.68 35.33
N GLY A 379 -3.08 6.20 34.12
CA GLY A 379 -2.29 5.69 32.99
C GLY A 379 -1.82 6.83 32.12
N PHE A 380 -0.87 6.50 31.23
CA PHE A 380 -0.42 7.38 30.15
C PHE A 380 -0.72 6.62 28.86
N GLY A 381 -1.67 7.20 28.14
CA GLY A 381 -2.34 6.52 27.01
C GLY A 381 -2.27 7.34 25.77
N GLY A 382 -2.41 6.70 24.62
CA GLY A 382 -2.56 7.48 23.39
C GLY A 382 -3.40 6.70 22.39
N GLN A 383 -4.10 7.43 21.54
CA GLN A 383 -4.87 6.78 20.45
C GLN A 383 -4.53 7.49 19.14
N LEU A 384 -4.66 6.78 18.02
CA LEU A 384 -4.29 7.28 16.69
C LEU A 384 -5.33 6.73 15.74
N GLN A 385 -5.79 7.55 14.83
CA GLN A 385 -6.40 7.00 13.59
C GLN A 385 -5.64 7.58 12.43
N ILE A 386 -5.60 6.80 11.36
CA ILE A 386 -5.04 7.29 10.08
C ILE A 386 -6.08 6.98 9.03
N PRO A 387 -6.17 7.82 7.97
CA PRO A 387 -7.27 7.68 7.04
C PRO A 387 -6.97 6.61 5.98
N VAL A 388 -6.82 5.39 6.44
CA VAL A 388 -6.68 4.20 5.56
C VAL A 388 -8.03 3.51 5.68
N PRO A 389 -8.77 3.20 4.61
CA PRO A 389 -10.04 2.49 4.79
C PRO A 389 -9.86 1.05 5.32
N PRO B 7 4.88 -40.15 -3.55
CA PRO B 7 5.12 -38.68 -3.39
C PRO B 7 6.39 -38.12 -4.09
N THR B 8 6.27 -37.57 -5.30
CA THR B 8 7.41 -36.97 -6.01
C THR B 8 7.70 -35.56 -5.46
N SER B 9 6.68 -34.70 -5.43
CA SER B 9 6.77 -33.34 -4.85
C SER B 9 5.84 -33.24 -3.64
N SER B 10 6.27 -32.58 -2.56
CA SER B 10 5.50 -32.48 -1.32
C SER B 10 5.69 -31.09 -0.71
N SER B 11 4.59 -30.42 -0.39
CA SER B 11 4.60 -29.10 0.28
C SER B 11 3.68 -29.20 1.47
N SER B 12 4.21 -29.04 2.67
CA SER B 12 3.39 -29.08 3.89
C SER B 12 3.70 -27.83 4.70
N LEU B 13 2.69 -27.00 4.97
CA LEU B 13 2.84 -25.77 5.78
C LEU B 13 1.94 -25.87 6.99
N ASP B 14 2.43 -25.35 8.10
CA ASP B 14 1.69 -25.29 9.39
C ASP B 14 1.74 -23.83 9.81
N ILE B 15 0.58 -23.18 9.80
CA ILE B 15 0.42 -21.71 9.99
C ILE B 15 0.91 -21.32 11.38
N THR B 16 0.91 -22.28 12.32
CA THR B 16 1.54 -22.20 13.67
C THR B 16 3.00 -22.66 13.57
N SER B 17 3.78 -22.04 12.69
CA SER B 17 5.26 -22.21 12.53
C SER B 17 5.82 -20.96 11.82
N ASN B 18 7.12 -20.94 11.52
CA ASN B 18 7.80 -19.81 10.82
C ASN B 18 7.71 -20.04 9.30
N CYS B 19 6.56 -20.54 8.87
CA CYS B 19 6.16 -20.77 7.46
C CYS B 19 5.68 -19.46 6.82
N ILE B 20 5.58 -18.37 7.60
CA ILE B 20 5.07 -17.05 7.10
C ILE B 20 6.13 -15.96 7.30
N ILE B 21 6.61 -15.41 6.18
CA ILE B 21 7.68 -14.39 6.07
C ILE B 21 6.99 -13.03 5.82
N GLU B 22 7.51 -11.96 6.42
CA GLU B 22 6.78 -10.65 6.40
C GLU B 22 7.28 -9.81 5.22
N THR B 23 8.20 -10.33 4.39
CA THR B 23 8.69 -9.71 3.12
C THR B 23 8.31 -10.54 1.90
N PRO B 24 8.31 -9.93 0.70
CA PRO B 24 7.80 -10.60 -0.51
C PRO B 24 8.57 -11.82 -1.01
N LEU B 25 7.81 -12.80 -1.52
CA LEU B 25 8.35 -14.02 -2.17
C LEU B 25 7.83 -14.09 -3.59
N GLN B 26 8.70 -14.43 -4.51
CA GLN B 26 8.40 -14.72 -5.93
C GLN B 26 7.92 -16.17 -6.00
N PRO B 27 6.78 -16.46 -6.67
CA PRO B 27 6.35 -17.84 -6.85
C PRO B 27 7.28 -18.60 -7.80
N SER B 28 7.16 -19.92 -7.78
CA SER B 28 7.71 -20.78 -8.86
C SER B 28 7.15 -20.29 -10.18
N ASP B 29 7.91 -20.36 -11.28
CA ASP B 29 7.42 -19.95 -12.61
C ASP B 29 6.17 -20.76 -13.02
N PHE B 30 5.33 -20.12 -13.81
CA PHE B 30 4.16 -20.75 -14.45
C PHE B 30 4.69 -21.81 -15.43
N LEU B 31 4.07 -22.99 -15.42
CA LEU B 31 4.40 -24.13 -16.34
C LEU B 31 3.39 -24.18 -17.47
N PRO B 32 3.77 -23.86 -18.72
CA PRO B 32 2.85 -23.94 -19.85
C PRO B 32 2.31 -25.36 -20.01
N LYS B 33 1.05 -25.45 -20.41
CA LYS B 33 0.37 -26.73 -20.73
C LYS B 33 0.38 -27.67 -19.53
N SER B 34 0.41 -27.11 -18.32
CA SER B 34 0.22 -27.83 -17.05
C SER B 34 -0.91 -27.15 -16.26
N ALA B 35 -1.53 -27.88 -15.35
CA ALA B 35 -2.58 -27.34 -14.49
C ALA B 35 -1.95 -26.55 -13.35
N ASN B 36 -0.63 -26.63 -13.16
CA ASN B 36 0.07 -25.87 -12.09
C ASN B 36 -0.58 -26.13 -10.74
N LEU B 37 -0.99 -27.37 -10.48
CA LEU B 37 -1.72 -27.69 -9.23
C LEU B 37 -0.81 -27.73 -8.00
N PHE B 38 0.49 -28.00 -8.14
CA PHE B 38 1.39 -28.06 -7.00
C PHE B 38 1.60 -26.61 -6.54
N PRO B 39 1.73 -26.36 -5.24
CA PRO B 39 1.88 -24.99 -4.76
C PRO B 39 3.04 -24.24 -5.40
N LYS B 40 2.77 -22.99 -5.72
CA LYS B 40 3.77 -22.06 -6.29
C LYS B 40 4.60 -21.41 -5.18
N PHE B 41 4.21 -21.54 -3.94
CA PHE B 41 4.97 -21.04 -2.75
C PHE B 41 5.17 -22.25 -1.84
N PRO B 42 5.95 -23.27 -2.30
CA PRO B 42 5.88 -24.58 -1.64
C PRO B 42 6.55 -24.71 -0.26
N GLU B 43 7.49 -23.83 0.05
CA GLU B 43 8.30 -23.94 1.30
C GLU B 43 7.82 -22.98 2.39
N ARG B 44 7.32 -21.84 1.98
CA ARG B 44 6.84 -20.80 2.90
C ARG B 44 6.04 -19.81 2.09
N ILE B 45 5.26 -19.04 2.80
CA ILE B 45 4.48 -17.96 2.18
C ILE B 45 4.90 -16.66 2.82
N SER B 46 4.53 -15.59 2.14
CA SER B 46 4.73 -14.21 2.62
C SER B 46 3.38 -13.71 3.13
N VAL B 47 3.38 -12.60 3.84
CA VAL B 47 2.11 -12.05 4.38
C VAL B 47 1.22 -11.59 3.23
N ASP B 48 1.77 -11.41 2.03
CA ASP B 48 1.05 -10.92 0.84
C ASP B 48 0.60 -12.09 -0.06
N SER B 49 1.26 -13.22 0.01
CA SER B 49 1.11 -14.28 -1.03
C SER B 49 -0.23 -15.01 -0.84
N TRP B 50 -0.80 -15.52 -1.92
CA TRP B 50 -2.01 -16.37 -1.76
C TRP B 50 -2.04 -17.41 -2.86
N GLU B 51 -2.63 -18.52 -2.52
CA GLU B 51 -2.92 -19.61 -3.47
C GLU B 51 -4.34 -20.11 -3.24
N LEU B 52 -4.99 -20.51 -4.33
CA LEU B 52 -6.41 -20.91 -4.30
C LEU B 52 -6.57 -22.21 -5.11
N TRP B 53 -7.33 -23.13 -4.52
CA TRP B 53 -7.89 -24.33 -5.17
C TRP B 53 -9.39 -24.31 -4.84
N GLU B 54 -10.20 -24.09 -5.84
CA GLU B 54 -11.65 -23.86 -5.60
C GLU B 54 -12.45 -24.88 -6.44
N PHE B 55 -13.51 -25.39 -5.88
CA PHE B 55 -14.39 -26.40 -6.52
C PHE B 55 -15.84 -26.02 -6.22
N ASP B 56 -16.58 -25.67 -7.26
CA ASP B 56 -17.96 -25.15 -7.08
C ASP B 56 -18.90 -26.03 -7.90
N THR B 57 -20.12 -26.23 -7.38
CA THR B 57 -21.12 -27.12 -8.02
C THR B 57 -22.53 -26.53 -7.86
N PHE B 58 -23.39 -26.82 -8.83
CA PHE B 58 -24.83 -26.50 -8.70
C PHE B 58 -25.63 -27.55 -9.47
N ASP B 59 -26.91 -27.72 -9.14
CA ASP B 59 -27.68 -28.73 -9.93
C ASP B 59 -28.26 -28.09 -11.18
N THR B 60 -28.84 -28.91 -12.04
CA THR B 60 -29.30 -28.46 -13.38
C THR B 60 -30.34 -27.34 -13.26
N ASN B 61 -31.16 -27.32 -12.22
CA ASN B 61 -32.23 -26.30 -12.13
C ASN B 61 -31.86 -25.16 -11.16
N GLY B 62 -30.63 -25.12 -10.65
CA GLY B 62 -30.21 -24.08 -9.71
C GLY B 62 -30.90 -24.15 -8.38
N SER B 63 -31.44 -25.30 -7.99
CA SER B 63 -32.10 -25.40 -6.67
C SER B 63 -31.10 -25.74 -5.57
N VAL B 64 -29.92 -26.26 -5.93
CA VAL B 64 -28.87 -26.72 -4.99
C VAL B 64 -27.54 -26.12 -5.44
N ALA B 65 -26.79 -25.56 -4.52
CA ALA B 65 -25.39 -25.09 -4.76
C ALA B 65 -24.50 -25.58 -3.63
N PHE B 66 -23.27 -25.93 -3.96
CA PHE B 66 -22.26 -26.31 -2.95
C PHE B 66 -20.89 -25.97 -3.52
N GLY B 67 -20.21 -25.12 -2.77
CA GLY B 67 -18.87 -24.66 -3.18
C GLY B 67 -17.84 -24.72 -2.08
N CYS B 68 -16.60 -24.89 -2.45
CA CYS B 68 -15.48 -24.99 -1.48
C CYS B 68 -14.26 -24.28 -2.06
N SER B 69 -13.79 -23.23 -1.41
CA SER B 69 -12.52 -22.54 -1.77
C SER B 69 -11.47 -22.85 -0.69
N LEU B 70 -10.38 -23.50 -1.09
CA LEU B 70 -9.25 -23.85 -0.22
C LEU B 70 -8.10 -22.88 -0.48
N TYR B 71 -7.66 -22.21 0.56
CA TYR B 71 -6.65 -21.14 0.45
C TYR B 71 -5.38 -21.48 1.24
N ARG B 72 -4.24 -21.05 0.70
CA ARG B 72 -3.05 -20.77 1.50
C ARG B 72 -2.76 -19.28 1.44
N ASP B 73 -2.80 -18.66 2.60
CA ASP B 73 -2.46 -17.24 2.77
C ASP B 73 -2.32 -17.03 4.28
N ALA B 74 -2.02 -15.80 4.67
CA ALA B 74 -1.79 -15.46 6.08
C ALA B 74 -3.05 -14.90 6.76
N ARG B 75 -4.22 -14.98 6.13
CA ARG B 75 -5.43 -14.30 6.69
C ARG B 75 -5.90 -14.95 8.00
N GLY B 76 -5.73 -16.27 8.19
CA GLY B 76 -6.29 -16.99 9.35
C GLY B 76 -5.29 -17.25 10.47
N VAL B 77 -4.13 -16.60 10.47
CA VAL B 77 -3.07 -16.91 11.48
C VAL B 77 -3.65 -16.73 12.89
N GLU B 78 -4.38 -15.64 13.11
CA GLU B 78 -4.91 -15.31 14.47
C GLU B 78 -6.10 -16.24 14.81
N GLN B 79 -6.65 -17.01 13.85
CA GLN B 79 -7.67 -18.06 14.11
C GLN B 79 -7.05 -19.47 14.08
N GLY B 80 -5.75 -19.57 13.85
CA GLY B 80 -4.98 -20.83 13.98
C GLY B 80 -5.05 -21.70 12.74
N GLY B 81 -5.33 -21.14 11.56
CA GLY B 81 -5.35 -22.02 10.39
C GLY B 81 -5.43 -21.31 9.05
N PHE B 82 -5.19 -22.10 8.02
CA PHE B 82 -5.52 -21.74 6.63
C PHE B 82 -7.02 -21.84 6.44
N HIS B 83 -7.59 -20.96 5.59
CA HIS B 83 -9.03 -20.83 5.33
C HIS B 83 -9.55 -21.85 4.32
N ALA B 84 -10.68 -22.46 4.59
CA ALA B 84 -11.52 -23.13 3.58
C ALA B 84 -12.89 -22.45 3.67
N GLU B 85 -13.38 -21.90 2.59
CA GLU B 85 -14.70 -21.23 2.57
C GLU B 85 -15.68 -22.24 2.02
N VAL B 86 -16.71 -22.60 2.78
CA VAL B 86 -17.69 -23.62 2.36
C VAL B 86 -19.07 -22.99 2.38
N ASN B 87 -19.78 -23.10 1.27
CA ASN B 87 -21.10 -22.46 1.13
C ASN B 87 -22.05 -23.43 0.45
N ALA B 88 -23.30 -23.47 0.91
CA ALA B 88 -24.31 -24.37 0.35
C ALA B 88 -25.69 -23.70 0.38
N LEU B 89 -26.49 -24.04 -0.61
CA LEU B 89 -27.88 -23.54 -0.73
C LEU B 89 -28.80 -24.73 -1.03
N TRP B 90 -29.93 -24.77 -0.32
CA TRP B 90 -30.97 -25.79 -0.48
C TRP B 90 -32.13 -25.25 -1.30
N PRO B 91 -33.00 -26.15 -1.81
CA PRO B 91 -34.15 -25.75 -2.61
C PRO B 91 -35.11 -24.77 -1.90
N ASP B 92 -35.18 -24.82 -0.57
CA ASP B 92 -36.12 -23.98 0.20
C ASP B 92 -35.51 -22.59 0.45
N GLY B 93 -34.25 -22.34 0.08
CA GLY B 93 -33.62 -21.01 0.25
C GLY B 93 -32.75 -20.91 1.48
N THR B 94 -32.72 -21.95 2.31
CA THR B 94 -31.82 -22.07 3.47
C THR B 94 -30.36 -22.17 3.01
N HIS B 95 -29.48 -21.40 3.62
CA HIS B 95 -28.05 -21.37 3.22
C HIS B 95 -27.23 -21.77 4.42
N TRP B 96 -26.03 -22.30 4.15
CA TRP B 96 -25.04 -22.66 5.19
C TRP B 96 -23.72 -22.13 4.68
N GLY B 97 -23.02 -21.35 5.50
CA GLY B 97 -21.76 -20.74 5.06
C GLY B 97 -20.84 -20.58 6.23
N GLU B 98 -19.63 -21.10 6.11
CA GLU B 98 -18.62 -20.93 7.17
C GLU B 98 -17.23 -20.88 6.57
N THR B 99 -16.41 -20.11 7.23
CA THR B 99 -14.94 -20.15 7.11
C THR B 99 -14.45 -21.18 8.10
N LEU B 100 -13.84 -22.24 7.61
CA LEU B 100 -13.22 -23.31 8.43
C LEU B 100 -11.73 -23.03 8.46
N TYR B 101 -11.06 -23.33 9.57
CA TYR B 101 -9.63 -23.05 9.79
C TYR B 101 -8.92 -24.36 10.03
N PHE B 102 -7.84 -24.59 9.29
CA PHE B 102 -7.05 -25.84 9.38
C PHE B 102 -5.59 -25.45 9.60
N ALA B 103 -4.99 -25.90 10.69
CA ALA B 103 -3.59 -25.59 11.05
C ALA B 103 -2.61 -26.02 9.95
N VAL B 104 -2.89 -27.10 9.22
CA VAL B 104 -1.93 -27.69 8.26
C VAL B 104 -2.57 -27.74 6.87
N SER B 105 -1.83 -27.32 5.85
CA SER B 105 -2.18 -27.52 4.42
C SER B 105 -1.03 -28.29 3.80
N GLU B 106 -1.33 -29.46 3.23
CA GLU B 106 -0.38 -30.33 2.53
C GLU B 106 -0.86 -30.50 1.10
N VAL B 107 0.05 -30.34 0.15
CA VAL B 107 -0.26 -30.64 -1.27
C VAL B 107 0.88 -31.49 -1.81
N VAL B 108 0.54 -32.56 -2.53
CA VAL B 108 1.51 -33.54 -3.09
C VAL B 108 1.26 -33.75 -4.57
N GLU B 109 2.33 -34.02 -5.32
CA GLU B 109 2.18 -34.55 -6.69
C GLU B 109 2.88 -35.91 -6.66
N ASN B 110 2.13 -36.94 -7.01
CA ASN B 110 2.64 -38.34 -7.04
C ASN B 110 3.36 -38.64 -8.35
N SER B 111 4.08 -39.77 -8.33
CA SER B 111 5.00 -40.23 -9.40
C SER B 111 4.26 -40.49 -10.71
N ASP B 112 2.93 -40.61 -10.68
CA ASP B 112 2.09 -40.74 -11.90
C ASP B 112 1.42 -39.42 -12.28
N GLY B 113 1.70 -38.33 -11.57
CA GLY B 113 1.20 -37.00 -11.93
C GLY B 113 -0.19 -36.72 -11.33
N THR B 114 -0.69 -37.60 -10.48
CA THR B 114 -1.91 -37.29 -9.69
C THR B 114 -1.53 -36.27 -8.61
N THR B 115 -2.46 -35.41 -8.24
CA THR B 115 -2.24 -34.35 -7.23
C THR B 115 -3.20 -34.59 -6.07
N GLY B 116 -2.74 -34.35 -4.85
CA GLY B 116 -3.55 -34.51 -3.64
C GLY B 116 -3.38 -33.29 -2.77
N GLY B 117 -4.44 -32.90 -2.07
CA GLY B 117 -4.33 -31.79 -1.12
C GLY B 117 -5.06 -32.16 0.14
N LYS B 118 -4.56 -31.73 1.30
CA LYS B 118 -5.21 -32.00 2.59
C LYS B 118 -5.08 -30.77 3.48
N TRP B 119 -6.21 -30.20 3.86
CA TRP B 119 -6.34 -29.15 4.90
C TRP B 119 -6.78 -29.87 6.17
N LEU B 120 -5.93 -29.83 7.18
CA LEU B 120 -6.02 -30.75 8.34
C LEU B 120 -5.99 -29.93 9.63
N SER B 121 -6.88 -30.26 10.57
CA SER B 121 -6.95 -29.59 11.89
C SER B 121 -6.35 -30.49 12.98
N LYS B 122 -5.93 -29.84 14.07
CA LYS B 122 -5.48 -30.44 15.36
C LYS B 122 -6.51 -31.49 15.80
N ASP B 123 -7.81 -31.17 15.72
CA ASP B 123 -8.91 -32.06 16.19
C ASP B 123 -9.07 -33.28 15.25
N GLY B 124 -8.33 -33.33 14.13
CA GLY B 124 -8.35 -34.44 13.14
C GLY B 124 -9.28 -34.19 11.95
N GLY B 125 -10.12 -33.14 12.01
CA GLY B 125 -11.01 -32.75 10.90
C GLY B 125 -10.19 -32.42 9.65
N SER B 126 -10.73 -32.62 8.46
CA SER B 126 -9.96 -32.37 7.22
C SER B 126 -10.89 -32.13 6.04
N ILE B 127 -10.35 -31.42 5.04
CA ILE B 127 -10.89 -31.45 3.66
C ILE B 127 -9.77 -31.93 2.75
N THR B 128 -10.07 -32.89 1.88
CA THR B 128 -9.01 -33.37 0.99
C THR B 128 -9.51 -33.25 -0.46
N PHE B 129 -8.57 -33.07 -1.37
CA PHE B 129 -8.84 -33.19 -2.82
C PHE B 129 -7.85 -34.17 -3.44
N HIS B 130 -8.31 -34.84 -4.50
CA HIS B 130 -7.50 -35.70 -5.37
C HIS B 130 -7.88 -35.36 -6.81
N ILE B 131 -6.90 -35.04 -7.63
CA ILE B 131 -7.10 -34.71 -9.06
C ILE B 131 -6.32 -35.69 -9.93
N ALA B 132 -6.98 -36.20 -10.95
CA ALA B 132 -6.40 -37.10 -11.95
C ALA B 132 -5.18 -36.47 -12.61
N SER B 133 -4.25 -37.32 -13.02
CA SER B 133 -3.03 -36.89 -13.75
C SER B 133 -3.35 -36.12 -15.03
N ASP B 134 -4.49 -36.40 -15.68
CA ASP B 134 -4.87 -35.71 -16.94
C ASP B 134 -5.96 -34.65 -16.67
N TYR B 135 -6.21 -34.35 -15.38
CA TYR B 135 -7.09 -33.23 -14.94
C TYR B 135 -8.55 -33.51 -15.34
N THR B 136 -8.92 -34.78 -15.63
CA THR B 136 -10.30 -35.07 -16.08
C THR B 136 -11.24 -35.40 -14.92
N ALA B 137 -10.74 -35.51 -13.70
CA ALA B 137 -11.55 -35.89 -12.55
C ALA B 137 -10.95 -35.31 -11.29
N ALA B 138 -11.82 -34.80 -10.44
CA ALA B 138 -11.44 -34.31 -9.12
C ALA B 138 -12.40 -34.87 -8.10
N ALA B 139 -11.92 -35.20 -6.92
CA ALA B 139 -12.78 -35.70 -5.83
C ALA B 139 -12.40 -34.99 -4.55
N LEU B 140 -13.40 -34.47 -3.84
CA LEU B 140 -13.17 -33.86 -2.50
C LEU B 140 -13.85 -34.73 -1.46
N ASP B 141 -13.21 -34.82 -0.31
CA ASP B 141 -13.76 -35.50 0.88
C ASP B 141 -13.76 -34.50 2.00
N PHE B 142 -14.93 -34.26 2.59
CA PHE B 142 -15.14 -33.34 3.73
C PHE B 142 -15.33 -34.21 4.95
N ASN B 143 -14.52 -34.00 5.95
CA ASN B 143 -14.64 -34.74 7.24
C ASN B 143 -14.41 -33.73 8.36
N VAL B 144 -15.40 -32.88 8.57
CA VAL B 144 -15.27 -31.79 9.56
C VAL B 144 -16.29 -32.02 10.66
N PRO B 145 -15.85 -32.58 11.81
CA PRO B 145 -16.78 -33.11 12.81
C PRO B 145 -17.66 -31.96 13.32
N GLY B 146 -18.97 -32.20 13.46
CA GLY B 146 -19.91 -31.16 13.95
C GLY B 146 -20.21 -30.05 12.95
N LYS B 147 -19.71 -30.14 11.71
CA LYS B 147 -19.89 -29.06 10.70
C LYS B 147 -20.42 -29.70 9.40
N VAL B 148 -19.57 -30.41 8.67
CA VAL B 148 -19.95 -30.93 7.31
C VAL B 148 -19.10 -32.17 6.99
N SER B 149 -19.75 -33.22 6.50
CA SER B 149 -19.07 -34.41 5.99
C SER B 149 -19.66 -34.77 4.64
N GLY B 150 -18.86 -35.32 3.74
CA GLY B 150 -19.39 -35.79 2.47
C GLY B 150 -18.37 -35.70 1.37
N THR B 151 -18.87 -35.76 0.15
CA THR B 151 -18.02 -35.94 -1.03
C THR B 151 -18.51 -35.03 -2.14
N MET B 152 -17.56 -34.57 -2.96
CA MET B 152 -17.88 -33.81 -4.19
C MET B 152 -17.05 -34.42 -5.31
N GLU B 153 -17.59 -34.47 -6.51
CA GLU B 153 -16.87 -35.01 -7.66
C GLU B 153 -17.11 -34.09 -8.84
N LEU B 154 -16.06 -33.82 -9.58
CA LEU B 154 -16.12 -33.08 -10.85
C LEU B 154 -15.45 -33.93 -11.92
N ARG B 155 -16.06 -34.09 -13.12
CA ARG B 155 -15.47 -34.93 -14.19
C ARG B 155 -15.65 -34.24 -15.52
N ASN B 156 -14.56 -34.11 -16.28
CA ASN B 156 -14.58 -33.63 -17.69
C ASN B 156 -14.52 -34.88 -18.57
N HIS B 157 -15.66 -35.18 -19.19
CA HIS B 157 -15.89 -36.37 -20.04
C HIS B 157 -15.53 -36.09 -21.51
N ALA B 158 -15.20 -34.86 -21.89
CA ALA B 158 -15.19 -34.41 -23.30
C ALA B 158 -14.12 -35.14 -24.13
N ASN B 159 -14.33 -35.24 -25.44
CA ASN B 159 -13.29 -35.80 -26.34
C ASN B 159 -12.08 -34.87 -26.39
N VAL B 160 -12.29 -33.56 -26.30
CA VAL B 160 -11.19 -32.58 -26.22
C VAL B 160 -10.66 -32.64 -24.78
N SER B 161 -9.38 -32.94 -24.65
CA SER B 161 -8.78 -33.15 -23.31
C SER B 161 -8.64 -31.80 -22.63
N PRO B 162 -8.68 -31.78 -21.31
CA PRO B 162 -8.25 -30.56 -20.59
C PRO B 162 -6.90 -30.02 -21.03
N THR B 163 -5.89 -30.88 -21.20
CA THR B 163 -4.54 -30.39 -21.53
C THR B 163 -4.60 -29.58 -22.83
N SER B 164 -5.39 -30.00 -23.81
CA SER B 164 -5.33 -29.29 -25.12
C SER B 164 -5.74 -27.81 -24.97
N ASN B 165 -6.53 -27.47 -23.95
CA ASN B 165 -7.05 -26.10 -23.73
C ASN B 165 -6.27 -25.36 -22.63
N LEU B 166 -5.28 -25.98 -21.99
CA LEU B 166 -4.54 -25.26 -20.93
C LEU B 166 -3.76 -24.10 -21.54
N PRO B 167 -3.59 -23.02 -20.75
CA PRO B 167 -2.78 -21.89 -21.16
C PRO B 167 -1.39 -22.37 -21.55
N ALA B 168 -0.90 -21.77 -22.63
CA ALA B 168 0.39 -22.09 -23.25
C ALA B 168 1.42 -21.01 -22.94
N SER B 169 1.03 -19.95 -22.22
CA SER B 169 1.91 -18.79 -21.96
C SER B 169 1.45 -18.14 -20.65
N ASP B 170 2.34 -17.39 -20.01
CA ASP B 170 1.97 -16.59 -18.82
C ASP B 170 0.78 -15.72 -19.22
N ALA B 171 0.79 -15.07 -20.40
CA ALA B 171 -0.31 -14.16 -20.80
C ALA B 171 -1.67 -14.87 -20.68
N GLU B 172 -1.79 -16.08 -21.22
CA GLU B 172 -3.03 -16.88 -21.25
C GLU B 172 -3.43 -17.33 -19.84
N ALA B 173 -2.50 -17.40 -18.87
CA ALA B 173 -2.77 -17.87 -17.51
C ALA B 173 -3.07 -16.68 -16.56
N GLN B 174 -2.88 -15.44 -17.03
CA GLN B 174 -2.91 -14.25 -16.13
C GLN B 174 -4.22 -13.50 -16.23
N LEU B 175 -4.70 -13.01 -15.07
CA LEU B 175 -5.61 -11.86 -14.99
C LEU B 175 -4.87 -10.58 -15.37
N CYS B 176 -3.66 -10.42 -14.85
CA CYS B 176 -2.83 -9.21 -15.01
C CYS B 176 -1.41 -9.65 -14.64
N PRO B 177 -0.37 -8.83 -14.81
CA PRO B 177 0.98 -9.30 -14.49
C PRO B 177 1.13 -9.82 -13.05
N GLY B 178 1.62 -11.03 -12.93
CA GLY B 178 1.81 -11.74 -11.65
C GLY B 178 0.54 -12.22 -10.94
N VAL B 179 -0.65 -12.11 -11.54
CA VAL B 179 -1.89 -12.68 -10.96
C VAL B 179 -2.38 -13.78 -11.91
N TYR B 180 -2.29 -14.99 -11.42
CA TYR B 180 -2.59 -16.22 -12.19
C TYR B 180 -3.97 -16.69 -11.76
N TYR B 181 -4.84 -16.92 -12.76
CA TYR B 181 -6.23 -17.37 -12.53
C TYR B 181 -6.58 -18.27 -13.72
N THR B 182 -6.85 -19.52 -13.41
CA THR B 182 -6.93 -20.57 -14.42
C THR B 182 -8.09 -21.51 -14.10
N PHE B 183 -8.60 -22.13 -15.16
CA PHE B 183 -9.73 -23.08 -15.09
C PHE B 183 -9.32 -24.39 -15.75
N PRO B 184 -8.42 -25.14 -15.09
CA PRO B 184 -7.68 -26.20 -15.79
C PRO B 184 -8.55 -27.41 -16.17
N MET B 185 -9.65 -27.65 -15.46
CA MET B 185 -10.52 -28.81 -15.79
C MET B 185 -11.48 -28.49 -16.92
N GLY B 186 -11.76 -27.23 -17.21
CA GLY B 186 -12.77 -26.79 -18.16
C GLY B 186 -14.14 -27.36 -17.81
N PRO B 187 -14.95 -27.75 -18.83
CA PRO B 187 -16.33 -28.13 -18.59
C PRO B 187 -16.47 -29.43 -17.82
N VAL B 188 -17.17 -29.37 -16.70
CA VAL B 188 -17.31 -30.55 -15.82
C VAL B 188 -18.78 -30.86 -15.51
N ALA B 189 -19.07 -32.14 -15.35
CA ALA B 189 -20.27 -32.65 -14.70
C ALA B 189 -19.92 -32.83 -13.23
N THR B 190 -20.86 -32.62 -12.31
CA THR B 190 -20.59 -32.62 -10.87
C THR B 190 -21.56 -33.49 -10.10
N SER B 191 -21.12 -33.96 -8.96
CA SER B 191 -21.96 -34.73 -8.02
C SER B 191 -21.55 -34.32 -6.64
N VAL B 192 -22.50 -34.27 -5.74
CA VAL B 192 -22.26 -33.93 -4.32
C VAL B 192 -23.18 -34.76 -3.47
N THR B 193 -22.64 -35.30 -2.38
CA THR B 193 -23.44 -35.91 -1.30
C THR B 193 -22.84 -35.46 0.01
N ALA B 194 -23.53 -34.63 0.74
CA ALA B 194 -23.00 -34.09 1.99
C ALA B 194 -24.07 -34.00 3.07
N THR B 195 -23.60 -34.05 4.29
CA THR B 195 -24.44 -33.90 5.51
C THR B 195 -23.89 -32.73 6.32
N PHE B 196 -24.76 -31.81 6.65
CA PHE B 196 -24.45 -30.63 7.50
C PHE B 196 -25.15 -30.84 8.86
N SER B 197 -24.36 -30.69 9.92
CA SER B 197 -24.76 -30.94 11.33
C SER B 197 -25.91 -30.02 11.75
N SER B 198 -25.85 -28.75 11.35
CA SER B 198 -26.80 -27.71 11.85
C SER B 198 -27.08 -26.72 10.72
N VAL B 199 -28.34 -26.63 10.30
CA VAL B 199 -28.78 -25.82 9.14
C VAL B 199 -30.02 -25.02 9.57
N GLY B 200 -30.02 -23.70 9.31
CA GLY B 200 -31.16 -22.81 9.56
C GLY B 200 -31.32 -22.43 11.02
N ALA B 201 -32.40 -21.72 11.36
CA ALA B 201 -32.74 -21.26 12.74
C ALA B 201 -32.99 -22.48 13.63
N ASN B 202 -33.67 -23.48 13.07
CA ASN B 202 -34.04 -24.76 13.74
C ASN B 202 -32.78 -25.54 14.16
N GLY B 203 -31.64 -25.33 13.49
CA GLY B 203 -30.37 -26.04 13.78
C GLY B 203 -30.44 -27.53 13.44
N GLU B 204 -31.35 -27.94 12.56
CA GLU B 204 -31.56 -29.37 12.20
C GLU B 204 -30.43 -29.84 11.26
N SER B 205 -30.10 -31.13 11.32
CA SER B 205 -29.18 -31.80 10.36
C SER B 205 -29.81 -31.81 8.95
N ARG B 206 -29.02 -31.66 7.88
CA ARG B 206 -29.58 -31.78 6.50
C ARG B 206 -28.56 -32.41 5.58
N GLU B 207 -29.06 -33.23 4.66
CA GLU B 207 -28.27 -33.73 3.52
C GLU B 207 -28.47 -32.78 2.35
N LEU B 208 -27.46 -32.80 1.47
CA LEU B 208 -27.51 -32.05 0.23
C LEU B 208 -27.02 -32.98 -0.86
N PHE B 209 -27.69 -32.96 -1.99
CA PHE B 209 -27.38 -33.91 -3.08
C PHE B 209 -27.45 -33.24 -4.43
N ILE B 210 -26.48 -33.57 -5.26
CA ILE B 210 -26.49 -33.28 -6.71
C ILE B 210 -26.14 -34.59 -7.40
N SER B 211 -26.99 -35.07 -8.33
CA SER B 211 -26.72 -36.34 -9.06
C SER B 211 -25.71 -36.11 -10.19
N SER B 212 -26.03 -35.20 -11.09
CA SER B 212 -25.19 -34.83 -12.23
C SER B 212 -25.54 -33.38 -12.56
N GLY B 213 -24.74 -32.47 -12.03
CA GLY B 213 -24.94 -31.05 -12.29
C GLY B 213 -23.74 -30.44 -12.99
N TYR B 214 -23.55 -29.16 -12.73
CA TYR B 214 -22.52 -28.34 -13.39
C TYR B 214 -21.67 -27.67 -12.31
N GLY B 215 -20.76 -26.86 -12.82
CA GLY B 215 -19.80 -26.22 -11.88
C GLY B 215 -18.46 -26.13 -12.52
N GLY B 216 -17.46 -25.89 -11.68
CA GLY B 216 -16.12 -25.71 -12.24
C GLY B 216 -15.06 -25.61 -11.16
N MET B 217 -13.83 -25.67 -11.62
CA MET B 217 -12.66 -25.66 -10.75
C MET B 217 -11.86 -24.41 -11.09
N VAL B 218 -11.32 -23.78 -10.05
CA VAL B 218 -10.40 -22.63 -10.19
C VAL B 218 -9.07 -22.94 -9.51
N ARG B 219 -8.00 -22.57 -10.21
CA ARG B 219 -6.64 -22.63 -9.65
C ARG B 219 -6.04 -21.23 -9.80
N GLY B 220 -5.72 -20.54 -8.71
CA GLY B 220 -5.09 -19.22 -8.86
C GLY B 220 -4.02 -18.98 -7.78
N TRP B 221 -3.16 -18.02 -8.07
CA TRP B 221 -2.09 -17.70 -7.11
C TRP B 221 -1.49 -16.35 -7.48
N SER B 222 -0.92 -15.68 -6.48
CA SER B 222 -0.16 -14.44 -6.74
C SER B 222 0.66 -14.07 -5.52
N ALA B 223 1.75 -13.34 -5.81
CA ALA B 223 2.46 -12.58 -4.77
C ALA B 223 1.75 -11.27 -4.47
N ARG B 224 0.83 -10.81 -5.32
CA ARG B 224 0.20 -9.45 -5.19
C ARG B 224 -1.07 -9.57 -4.38
N PRO B 225 -1.22 -8.82 -3.28
CA PRO B 225 -2.47 -8.86 -2.52
C PRO B 225 -3.61 -8.25 -3.33
N TRP B 226 -4.85 -8.73 -3.07
CA TRP B 226 -6.04 -8.31 -3.83
C TRP B 226 -6.20 -6.80 -3.95
N PRO B 227 -6.06 -5.99 -2.87
CA PRO B 227 -6.30 -4.54 -3.02
C PRO B 227 -5.34 -3.84 -3.97
N THR B 228 -4.21 -4.46 -4.28
CA THR B 228 -3.20 -3.85 -5.16
C THR B 228 -3.64 -3.97 -6.63
N PHE B 229 -4.62 -4.82 -7.00
CA PHE B 229 -5.03 -4.90 -8.42
C PHE B 229 -6.55 -4.84 -8.59
N MET B 230 -7.35 -4.74 -7.54
CA MET B 230 -8.83 -4.69 -7.70
C MET B 230 -9.48 -3.97 -6.53
N ASN B 231 -10.66 -3.41 -6.75
CA ASN B 231 -11.54 -3.10 -5.60
C ASN B 231 -12.94 -3.67 -5.86
N ASP B 232 -13.16 -4.32 -7.01
CA ASP B 232 -14.51 -4.91 -7.28
C ASP B 232 -14.23 -6.13 -8.14
N ALA B 233 -14.92 -7.23 -7.87
CA ALA B 233 -14.72 -8.46 -8.69
C ALA B 233 -16.04 -9.19 -8.83
N TYR B 234 -16.18 -9.90 -9.95
CA TYR B 234 -17.31 -10.81 -10.19
C TYR B 234 -16.73 -12.09 -10.73
N TYR B 235 -17.20 -13.21 -10.20
CA TYR B 235 -16.81 -14.53 -10.73
C TYR B 235 -18.10 -15.30 -10.95
N VAL B 236 -18.17 -16.02 -12.06
CA VAL B 236 -19.30 -16.97 -12.19
C VAL B 236 -18.80 -18.21 -12.95
N VAL B 237 -19.48 -19.30 -12.64
CA VAL B 237 -19.36 -20.53 -13.48
C VAL B 237 -20.80 -20.87 -13.85
N ALA B 238 -21.05 -21.10 -15.13
CA ALA B 238 -22.46 -21.17 -15.60
C ALA B 238 -22.60 -22.22 -16.69
N GLN B 239 -23.84 -22.70 -16.83
CA GLN B 239 -24.18 -23.61 -17.94
C GLN B 239 -25.42 -23.03 -18.62
N VAL B 240 -25.38 -22.82 -19.92
CA VAL B 240 -26.47 -22.14 -20.68
C VAL B 240 -26.69 -22.99 -21.94
N GLY B 241 -27.71 -23.85 -21.89
CA GLY B 241 -27.92 -24.81 -22.99
C GLY B 241 -26.64 -25.60 -23.17
N PRO B 242 -26.08 -25.66 -24.39
CA PRO B 242 -24.87 -26.44 -24.64
C PRO B 242 -23.57 -25.73 -24.17
N TYR B 243 -23.69 -24.50 -23.69
CA TYR B 243 -22.51 -23.67 -23.33
C TYR B 243 -22.16 -23.86 -21.85
N MET B 244 -20.86 -23.90 -21.57
CA MET B 244 -20.35 -23.81 -20.19
C MET B 244 -19.38 -22.63 -20.16
N LEU B 245 -19.49 -21.76 -19.16
CA LEU B 245 -18.54 -20.63 -19.14
C LEU B 245 -18.07 -20.39 -17.71
N GLN B 246 -16.87 -19.83 -17.66
CA GLN B 246 -16.24 -19.42 -16.38
C GLN B 246 -15.60 -18.09 -16.62
N ILE B 247 -15.79 -17.13 -15.70
CA ILE B 247 -15.17 -15.79 -15.84
C ILE B 247 -14.89 -15.23 -14.47
N LEU B 248 -13.69 -14.65 -14.34
CA LEU B 248 -13.36 -13.65 -13.28
C LEU B 248 -13.16 -12.34 -14.00
N ARG B 249 -13.84 -11.32 -13.53
CA ARG B 249 -13.59 -9.94 -14.01
C ARG B 249 -13.31 -9.06 -12.80
N THR B 250 -12.21 -8.33 -12.84
CA THR B 250 -11.89 -7.34 -11.79
C THR B 250 -11.93 -5.93 -12.36
N LEU B 251 -12.32 -5.00 -11.49
CA LEU B 251 -12.25 -3.56 -11.75
C LEU B 251 -11.16 -3.04 -10.81
N GLY B 252 -10.27 -2.27 -11.38
CA GLY B 252 -9.02 -1.93 -10.71
C GLY B 252 -9.20 -0.94 -9.60
N SER B 253 -8.35 -1.07 -8.60
CA SER B 253 -8.16 0.00 -7.62
C SER B 253 -7.22 1.05 -8.21
N VAL B 254 -7.00 2.10 -7.41
CA VAL B 254 -6.05 3.18 -7.79
C VAL B 254 -4.67 2.59 -8.06
N PHE B 255 -4.28 1.49 -7.43
CA PHE B 255 -2.92 0.90 -7.53
C PHE B 255 -2.63 0.37 -8.93
N VAL B 256 -3.67 0.07 -9.72
CA VAL B 256 -3.52 -0.27 -11.15
C VAL B 256 -4.26 0.76 -12.01
N GLN B 257 -4.34 2.02 -11.57
CA GLN B 257 -4.94 3.11 -12.39
C GLN B 257 -6.36 2.71 -12.86
N HIS B 258 -7.11 1.99 -12.02
CA HIS B 258 -8.53 1.60 -12.29
C HIS B 258 -8.65 0.75 -13.57
N LYS B 259 -7.61 0.02 -13.94
CA LYS B 259 -7.70 -0.85 -15.13
C LYS B 259 -8.59 -2.06 -14.82
N PRO B 260 -9.46 -2.47 -15.77
CA PRO B 260 -10.22 -3.69 -15.62
C PRO B 260 -9.46 -4.86 -16.26
N PHE B 261 -9.62 -6.01 -15.64
CA PHE B 261 -8.96 -7.26 -16.07
C PHE B 261 -9.99 -8.38 -16.12
N ALA B 262 -9.73 -9.38 -16.95
CA ALA B 262 -10.60 -10.58 -16.93
C ALA B 262 -9.86 -11.83 -17.44
N VAL B 263 -10.27 -12.95 -16.90
CA VAL B 263 -9.97 -14.28 -17.46
C VAL B 263 -11.32 -14.96 -17.72
N ALA B 264 -11.60 -15.32 -18.97
CA ALA B 264 -12.94 -15.85 -19.35
C ALA B 264 -12.72 -17.00 -20.32
N ARG B 265 -13.57 -17.98 -20.17
CA ARG B 265 -13.58 -19.11 -21.11
C ARG B 265 -15.03 -19.48 -21.42
N LEU B 266 -15.29 -19.69 -22.72
CA LEU B 266 -16.62 -20.17 -23.19
C LEU B 266 -16.41 -21.49 -23.95
N TYR B 267 -17.07 -22.54 -23.46
CA TYR B 267 -17.05 -23.88 -24.10
C TYR B 267 -18.41 -24.18 -24.73
N LEU B 268 -18.38 -24.86 -25.89
CA LEU B 268 -19.59 -25.48 -26.49
C LEU B 268 -19.41 -26.98 -26.35
N ASP B 269 -20.18 -27.66 -25.50
CA ASP B 269 -20.20 -29.15 -25.40
C ASP B 269 -18.80 -29.76 -25.43
N GLY B 270 -17.86 -29.24 -24.66
CA GLY B 270 -16.51 -29.85 -24.57
C GLY B 270 -15.40 -29.08 -25.26
N SER B 271 -15.72 -28.30 -26.29
CA SER B 271 -14.75 -27.55 -27.11
C SER B 271 -14.64 -26.10 -26.65
N LEU B 272 -13.46 -25.54 -26.64
CA LEU B 272 -13.28 -24.12 -26.25
C LEU B 272 -13.62 -23.28 -27.47
N VAL B 273 -14.59 -22.38 -27.38
CA VAL B 273 -14.94 -21.53 -28.54
C VAL B 273 -14.50 -20.09 -28.36
N SER B 274 -14.24 -19.61 -27.13
CA SER B 274 -13.72 -18.24 -26.92
C SER B 274 -12.86 -18.27 -25.66
N ALA B 275 -11.62 -17.80 -25.74
CA ALA B 275 -10.70 -17.64 -24.59
C ALA B 275 -10.33 -16.18 -24.55
N ALA B 276 -10.62 -15.47 -23.44
CA ALA B 276 -10.31 -14.04 -23.32
C ALA B 276 -9.49 -13.82 -22.07
N ASN B 277 -8.41 -13.04 -22.19
CA ASN B 277 -7.69 -12.50 -21.00
C ASN B 277 -7.65 -10.98 -21.09
N THR B 278 -8.65 -10.36 -21.72
CA THR B 278 -8.78 -8.92 -21.98
C THR B 278 -10.25 -8.57 -21.83
N VAL B 279 -10.51 -7.36 -21.33
CA VAL B 279 -11.85 -6.71 -21.16
C VAL B 279 -11.92 -5.49 -22.06
N VAL B 280 -12.88 -5.44 -22.98
CA VAL B 280 -13.21 -4.23 -23.79
C VAL B 280 -14.23 -3.35 -23.02
N GLY B 281 -14.06 -2.02 -23.09
CA GLY B 281 -14.93 -1.03 -22.42
C GLY B 281 -14.61 0.39 -22.85
N GLY B 293 -6.99 -14.43 -27.19
CA GLY B 293 -7.09 -13.63 -28.41
C GLY B 293 -8.38 -12.83 -28.44
N ASP B 294 -9.47 -13.39 -27.90
CA ASP B 294 -10.80 -12.75 -27.84
C ASP B 294 -10.86 -11.73 -26.69
N ALA B 295 -11.97 -10.98 -26.62
CA ALA B 295 -12.23 -10.02 -25.51
C ALA B 295 -13.63 -10.21 -24.93
N VAL B 296 -13.77 -9.90 -23.64
CA VAL B 296 -15.10 -9.92 -23.01
C VAL B 296 -15.48 -8.49 -22.67
N ARG B 297 -16.79 -8.27 -22.66
CA ARG B 297 -17.45 -7.06 -22.11
C ARG B 297 -18.36 -7.53 -20.98
N LEU B 298 -18.27 -6.92 -19.78
CA LEU B 298 -19.16 -7.30 -18.66
C LEU B 298 -19.75 -6.01 -18.06
N THR B 299 -21.04 -5.85 -18.21
CA THR B 299 -21.77 -4.62 -17.90
C THR B 299 -22.73 -4.94 -16.77
N LYS B 300 -22.72 -4.12 -15.72
CA LYS B 300 -23.73 -4.30 -14.67
C LYS B 300 -25.12 -3.85 -15.15
N VAL B 301 -26.13 -4.54 -14.67
CA VAL B 301 -27.59 -4.27 -14.89
C VAL B 301 -28.11 -3.59 -13.61
N GLN B 302 -28.75 -2.44 -13.77
CA GLN B 302 -29.26 -1.67 -12.62
C GLN B 302 -30.75 -1.94 -12.49
N PRO B 303 -31.30 -1.85 -11.26
CA PRO B 303 -32.72 -2.13 -11.00
C PRO B 303 -33.71 -1.20 -11.73
N ASP B 304 -33.23 -0.07 -12.29
CA ASP B 304 -34.12 0.83 -13.06
C ASP B 304 -34.16 0.39 -14.53
N GLU B 305 -33.44 -0.69 -14.87
CA GLU B 305 -33.27 -1.15 -16.28
C GLU B 305 -33.98 -2.50 -16.49
N LYS B 306 -34.11 -3.33 -15.47
CA LYS B 306 -34.63 -4.71 -15.63
C LYS B 306 -35.39 -5.09 -14.38
N SER B 307 -36.59 -5.68 -14.53
CA SER B 307 -37.52 -6.01 -13.41
C SER B 307 -37.06 -7.24 -12.63
N GLN B 308 -36.37 -8.19 -13.25
CA GLN B 308 -36.00 -9.46 -12.58
C GLN B 308 -34.59 -9.26 -12.01
N GLY B 309 -34.37 -9.75 -10.80
CA GLY B 309 -33.02 -9.91 -10.22
C GLY B 309 -32.93 -9.23 -8.87
N LEU B 310 -32.32 -9.91 -7.92
CA LEU B 310 -32.00 -9.37 -6.56
C LEU B 310 -30.75 -8.49 -6.67
N SER B 311 -30.66 -7.47 -5.82
CA SER B 311 -29.38 -6.77 -5.56
C SER B 311 -28.79 -7.33 -4.26
N GLY B 312 -27.50 -7.07 -4.07
CA GLY B 312 -26.86 -7.35 -2.81
C GLY B 312 -27.25 -6.33 -1.76
N LYS B 313 -26.73 -6.55 -0.58
CA LYS B 313 -27.13 -5.78 0.63
C LYS B 313 -26.21 -4.59 0.87
N PHE B 314 -25.28 -4.31 -0.02
CA PHE B 314 -24.23 -3.29 0.19
C PHE B 314 -24.39 -2.17 -0.82
N ARG B 315 -23.31 -1.43 -1.10
CA ARG B 315 -23.40 -0.23 -1.94
C ARG B 315 -23.60 -0.57 -3.42
N ASP B 316 -23.29 -1.80 -3.80
CA ASP B 316 -23.44 -2.23 -5.22
C ASP B 316 -24.88 -2.66 -5.42
N GLY B 317 -25.66 -1.87 -6.13
CA GLY B 317 -27.10 -2.14 -6.27
C GLY B 317 -27.40 -2.92 -7.55
N ASN B 318 -26.41 -3.47 -8.24
CA ASN B 318 -26.72 -4.23 -9.50
C ASN B 318 -27.67 -5.42 -9.21
N VAL B 319 -28.43 -5.80 -10.24
CA VAL B 319 -29.38 -6.94 -10.21
C VAL B 319 -28.94 -7.98 -11.21
N GLY B 320 -27.74 -7.82 -11.71
CA GLY B 320 -27.20 -8.77 -12.71
C GLY B 320 -26.20 -8.14 -13.63
N TYR B 321 -25.84 -8.86 -14.69
CA TYR B 321 -24.81 -8.42 -15.66
C TYR B 321 -25.17 -8.86 -17.09
N VAL B 322 -24.60 -8.17 -18.05
CA VAL B 322 -24.63 -8.58 -19.47
C VAL B 322 -23.20 -9.00 -19.76
N LEU B 323 -22.98 -10.24 -20.22
CA LEU B 323 -21.63 -10.76 -20.52
C LEU B 323 -21.49 -11.03 -22.00
N GLU B 324 -20.58 -10.38 -22.68
CA GLU B 324 -20.40 -10.60 -24.15
C GLU B 324 -19.02 -11.21 -24.35
N PHE B 325 -18.96 -12.18 -25.27
CA PHE B 325 -17.66 -12.70 -25.80
C PHE B 325 -17.56 -12.28 -27.25
N ALA B 326 -16.48 -11.63 -27.65
CA ALA B 326 -16.26 -11.24 -29.06
C ALA B 326 -14.89 -11.73 -29.52
N LYS B 327 -14.84 -12.26 -30.74
CA LYS B 327 -13.60 -12.63 -31.46
C LYS B 327 -13.29 -11.53 -32.47
N LYS B 328 -12.22 -11.70 -33.25
CA LYS B 328 -11.81 -10.70 -34.28
C LYS B 328 -12.60 -10.95 -35.55
N ASP B 329 -12.48 -12.15 -36.14
CA ASP B 329 -13.16 -12.56 -37.41
C ASP B 329 -14.67 -12.34 -37.27
N SER B 330 -15.33 -13.13 -36.42
CA SER B 330 -16.74 -12.93 -35.96
C SER B 330 -16.86 -11.60 -35.19
N GLU B 331 -17.47 -10.57 -35.80
CA GLU B 331 -18.05 -9.41 -35.09
C GLU B 331 -19.49 -9.77 -34.69
N HIS B 332 -19.91 -10.98 -35.09
CA HIS B 332 -20.98 -11.79 -34.47
C HIS B 332 -20.38 -12.62 -33.33
N GLY B 333 -20.69 -12.30 -32.07
CA GLY B 333 -20.15 -12.98 -30.88
C GLY B 333 -21.24 -13.67 -30.08
N TRP B 334 -21.09 -13.74 -28.76
CA TRP B 334 -22.09 -14.34 -27.89
C TRP B 334 -22.46 -13.31 -26.81
N THR B 335 -23.72 -13.27 -26.47
CA THR B 335 -24.23 -12.37 -25.41
C THR B 335 -25.05 -13.18 -24.42
N PHE B 336 -24.77 -13.03 -23.12
CA PHE B 336 -25.51 -13.72 -22.07
C PHE B 336 -26.05 -12.70 -21.06
N GLN B 337 -27.34 -12.84 -20.77
CA GLN B 337 -28.01 -12.03 -19.74
C GLN B 337 -27.95 -12.78 -18.41
N ILE B 338 -27.42 -12.15 -17.37
CA ILE B 338 -27.27 -12.80 -16.05
C ILE B 338 -28.13 -12.04 -15.03
N SER B 339 -28.98 -12.75 -14.31
CA SER B 339 -29.86 -12.13 -13.29
C SER B 339 -29.64 -12.82 -11.95
N HIS B 340 -29.49 -12.06 -10.86
CA HIS B 340 -29.28 -12.63 -9.52
C HIS B 340 -30.60 -13.24 -9.02
N LYS B 341 -30.67 -14.55 -8.94
CA LYS B 341 -31.95 -15.26 -8.66
C LYS B 341 -32.06 -15.56 -7.17
N ARG B 342 -31.01 -16.12 -6.55
CA ARG B 342 -31.10 -16.64 -5.18
C ARG B 342 -29.84 -16.28 -4.41
N ALA B 343 -30.00 -15.74 -3.22
CA ALA B 343 -28.87 -15.33 -2.35
C ALA B 343 -28.24 -16.56 -1.72
N VAL B 344 -26.94 -16.67 -1.78
CA VAL B 344 -26.19 -17.80 -1.18
C VAL B 344 -25.45 -17.36 0.07
N TRP B 345 -24.66 -16.29 0.00
CA TRP B 345 -23.98 -15.67 1.17
C TRP B 345 -24.04 -14.14 1.07
N SER B 346 -23.85 -13.48 2.19
CA SER B 346 -23.76 -12.00 2.25
C SER B 346 -22.90 -11.62 3.45
N GLU B 347 -21.80 -10.90 3.23
CA GLU B 347 -20.92 -10.54 4.37
C GLU B 347 -20.32 -9.18 4.10
N PRO B 348 -20.31 -8.25 5.08
CA PRO B 348 -19.66 -6.95 4.94
C PRO B 348 -18.12 -7.06 4.81
N THR B 349 -17.52 -6.08 4.12
CA THR B 349 -16.06 -5.95 3.97
C THR B 349 -15.65 -4.57 4.45
N SER B 350 -16.59 -3.86 5.05
CA SER B 350 -16.30 -2.56 5.68
C SER B 350 -17.30 -2.34 6.81
N ALA B 351 -17.03 -1.34 7.64
CA ALA B 351 -18.05 -0.76 8.52
C ALA B 351 -19.29 -0.36 7.71
N PRO B 352 -20.50 -0.52 8.29
CA PRO B 352 -21.72 -0.10 7.61
C PRO B 352 -21.84 1.41 7.36
N GLY B 353 -22.66 1.75 6.37
CA GLY B 353 -22.98 3.14 6.03
C GLY B 353 -23.39 3.25 4.57
N PRO B 354 -23.55 4.48 4.06
CA PRO B 354 -23.94 4.72 2.67
C PRO B 354 -22.97 4.12 1.63
N ASP B 355 -21.68 4.02 1.96
CA ASP B 355 -20.73 3.40 1.03
C ASP B 355 -20.22 2.09 1.59
N GLY B 356 -20.95 1.43 2.48
CA GLY B 356 -20.62 0.11 3.03
C GLY B 356 -20.43 -0.90 1.88
N THR B 357 -19.29 -1.57 1.87
CA THR B 357 -19.02 -2.63 0.86
C THR B 357 -19.26 -4.02 1.41
N GLY B 358 -19.42 -5.00 0.50
CA GLY B 358 -19.50 -6.39 0.96
C GLY B 358 -19.29 -7.39 -0.17
N LYS B 359 -19.56 -8.62 0.19
CA LYS B 359 -19.49 -9.75 -0.75
C LYS B 359 -20.83 -10.45 -0.76
N SER B 360 -21.22 -10.92 -1.92
CA SER B 360 -22.55 -11.53 -2.13
C SER B 360 -22.36 -12.70 -3.07
N GLY B 361 -22.90 -13.85 -2.68
CA GLY B 361 -22.91 -15.02 -3.57
C GLY B 361 -24.31 -15.33 -4.07
N TRP B 362 -24.41 -15.85 -5.28
CA TRP B 362 -25.70 -15.95 -6.02
C TRP B 362 -25.83 -17.32 -6.70
N ILE B 363 -27.05 -17.85 -6.79
CA ILE B 363 -27.44 -18.63 -7.99
C ILE B 363 -27.98 -17.63 -9.00
N GLU B 364 -27.39 -17.62 -10.18
CA GLU B 364 -27.72 -16.72 -11.28
C GLU B 364 -28.67 -17.45 -12.23
N ALA B 365 -29.61 -16.73 -12.82
CA ALA B 365 -30.34 -17.18 -14.03
C ALA B 365 -29.65 -16.59 -15.22
N ILE B 366 -29.37 -17.40 -16.25
CA ILE B 366 -28.57 -16.89 -17.37
C ILE B 366 -29.25 -17.32 -18.66
N SER B 367 -29.22 -16.45 -19.65
CA SER B 367 -29.84 -16.80 -20.94
C SER B 367 -29.03 -16.18 -22.06
N GLY B 368 -29.16 -16.76 -23.27
CA GLY B 368 -28.67 -16.11 -24.48
C GLY B 368 -27.82 -17.05 -25.31
N GLY B 369 -26.76 -16.48 -25.88
CA GLY B 369 -25.83 -17.19 -26.78
C GLY B 369 -25.54 -16.33 -27.99
N ALA B 370 -25.29 -17.00 -29.11
CA ALA B 370 -25.02 -16.30 -30.38
C ALA B 370 -26.32 -15.81 -31.00
N LYS B 371 -26.21 -15.04 -32.09
CA LYS B 371 -27.43 -14.51 -32.74
C LYS B 371 -28.32 -15.70 -33.11
N GLY B 372 -29.62 -15.59 -32.78
CA GLY B 372 -30.64 -16.61 -33.04
C GLY B 372 -30.70 -17.68 -31.97
N GLU B 373 -29.86 -17.57 -30.94
CA GLU B 373 -29.91 -18.53 -29.84
C GLU B 373 -30.49 -17.86 -28.60
N ASN B 374 -31.31 -18.60 -27.88
CA ASN B 374 -32.01 -18.13 -26.66
C ASN B 374 -31.97 -19.24 -25.61
N TYR B 375 -30.79 -19.74 -25.29
CA TYR B 375 -30.63 -20.85 -24.34
C TYR B 375 -30.86 -20.31 -22.92
N GLU B 376 -31.13 -21.20 -21.99
CA GLU B 376 -31.43 -20.82 -20.59
C GLU B 376 -30.68 -21.77 -19.70
N GLY B 377 -30.12 -21.26 -18.62
CA GLY B 377 -29.57 -22.10 -17.58
C GLY B 377 -29.27 -21.28 -16.35
N HIS B 378 -28.27 -21.72 -15.61
CA HIS B 378 -27.98 -21.19 -14.26
C HIS B 378 -26.47 -21.06 -14.09
N GLY B 379 -26.09 -20.29 -13.08
CA GLY B 379 -24.69 -20.18 -12.69
C GLY B 379 -24.57 -20.04 -11.20
N PHE B 380 -23.37 -20.23 -10.72
CA PHE B 380 -23.02 -20.03 -9.30
C PHE B 380 -21.96 -18.90 -9.32
N GLY B 381 -22.35 -17.76 -8.76
CA GLY B 381 -21.64 -16.49 -8.96
C GLY B 381 -21.37 -15.79 -7.64
N GLY B 382 -20.38 -14.91 -7.65
CA GLY B 382 -20.14 -14.09 -6.46
C GLY B 382 -19.56 -12.77 -6.87
N GLN B 383 -19.84 -11.73 -6.09
CA GLN B 383 -19.22 -10.43 -6.33
C GLN B 383 -18.70 -9.89 -4.99
N LEU B 384 -17.68 -9.03 -5.08
CA LEU B 384 -16.98 -8.51 -3.87
C LEU B 384 -16.62 -7.07 -4.19
N GLN B 385 -16.82 -6.17 -3.23
CA GLN B 385 -16.08 -4.88 -3.25
C GLN B 385 -15.31 -4.78 -1.95
N ILE B 386 -14.21 -4.08 -2.03
CA ILE B 386 -13.46 -3.68 -0.82
C ILE B 386 -13.26 -2.19 -0.90
N PRO B 387 -13.19 -1.53 0.28
CA PRO B 387 -13.20 -0.08 0.33
C PRO B 387 -11.86 0.56 0.00
N VAL B 388 -11.40 0.34 -1.21
CA VAL B 388 -10.11 0.86 -1.75
C VAL B 388 -10.50 1.77 -2.90
N PRO B 389 -10.14 3.08 -2.95
CA PRO B 389 -10.42 3.88 -4.12
C PRO B 389 -9.63 3.46 -5.38
N PRO C 7 28.17 -0.10 -27.98
CA PRO C 7 28.16 0.69 -26.73
C PRO C 7 28.85 -0.05 -25.57
N THR C 8 29.09 0.64 -24.47
CA THR C 8 29.64 0.04 -23.24
C THR C 8 28.53 -0.64 -22.44
N SER C 9 27.45 0.09 -22.23
CA SER C 9 26.30 -0.36 -21.41
C SER C 9 25.09 -0.36 -22.33
N SER C 10 24.31 -1.42 -22.32
CA SER C 10 23.13 -1.56 -23.19
C SER C 10 21.99 -2.21 -22.40
N SER C 11 20.80 -1.59 -22.44
CA SER C 11 19.56 -2.12 -21.81
C SER C 11 18.47 -2.14 -22.87
N SER C 12 18.02 -3.31 -23.29
CA SER C 12 16.92 -3.45 -24.26
C SER C 12 15.80 -4.26 -23.63
N LEU C 13 14.63 -3.65 -23.40
CA LEU C 13 13.45 -4.37 -22.86
C LEU C 13 12.31 -4.36 -23.89
N ASP C 14 11.62 -5.48 -23.98
CA ASP C 14 10.48 -5.65 -24.89
C ASP C 14 9.33 -6.01 -23.97
N ILE C 15 8.42 -5.07 -23.72
CA ILE C 15 7.33 -5.28 -22.73
C ILE C 15 6.42 -6.41 -23.22
N THR C 16 6.48 -6.81 -24.50
CA THR C 16 5.68 -7.93 -25.08
C THR C 16 6.40 -9.28 -24.94
N SER C 17 7.58 -9.38 -24.29
CA SER C 17 8.24 -10.68 -24.00
C SER C 17 8.76 -10.72 -22.56
N ASN C 18 8.15 -11.57 -21.72
CA ASN C 18 8.30 -11.63 -20.23
C ASN C 18 8.73 -10.26 -19.70
N CYS C 19 9.88 -10.19 -19.01
CA CYS C 19 10.61 -8.94 -18.58
C CYS C 19 9.94 -8.25 -17.36
N ILE C 20 8.80 -8.74 -16.84
CA ILE C 20 8.04 -8.06 -15.71
C ILE C 20 7.92 -9.00 -14.50
N ILE C 21 8.50 -8.58 -13.38
CA ILE C 21 8.61 -9.31 -12.09
C ILE C 21 7.53 -8.73 -11.16
N GLU C 22 6.85 -9.57 -10.35
CA GLU C 22 5.68 -9.11 -9.57
C GLU C 22 6.09 -8.76 -8.15
N THR C 23 7.38 -8.90 -7.85
CA THR C 23 7.96 -8.55 -6.53
C THR C 23 8.92 -7.38 -6.74
N PRO C 24 9.25 -6.67 -5.66
CA PRO C 24 10.10 -5.47 -5.76
C PRO C 24 11.50 -5.75 -6.29
N LEU C 25 12.00 -4.82 -7.10
CA LEU C 25 13.40 -4.89 -7.59
C LEU C 25 14.14 -3.67 -7.04
N GLN C 26 15.38 -3.88 -6.64
CA GLN C 26 16.27 -2.76 -6.20
C GLN C 26 16.93 -2.20 -7.45
N PRO C 27 16.91 -0.87 -7.60
CA PRO C 27 17.65 -0.25 -8.69
C PRO C 27 19.15 -0.32 -8.48
N SER C 28 19.90 -0.18 -9.56
CA SER C 28 21.35 0.11 -9.48
C SER C 28 21.54 1.35 -8.62
N ASP C 29 22.67 1.46 -7.92
CA ASP C 29 22.87 2.59 -6.98
C ASP C 29 22.96 3.92 -7.76
N PHE C 30 22.54 4.98 -7.10
CA PHE C 30 22.70 6.37 -7.57
C PHE C 30 24.22 6.63 -7.60
N LEU C 31 24.68 7.26 -8.69
CA LEU C 31 26.08 7.66 -8.96
C LEU C 31 26.22 9.15 -8.69
N PRO C 32 26.90 9.56 -7.61
CA PRO C 32 27.13 10.98 -7.38
C PRO C 32 27.82 11.64 -8.58
N LYS C 33 27.47 12.91 -8.83
CA LYS C 33 28.09 13.77 -9.86
C LYS C 33 28.01 13.12 -11.24
N SER C 34 27.01 12.27 -11.46
CA SER C 34 26.64 11.73 -12.79
C SER C 34 25.16 12.09 -13.08
N ALA C 35 24.77 12.06 -14.33
CA ALA C 35 23.38 12.41 -14.70
C ALA C 35 22.53 11.16 -14.54
N ASN C 36 23.14 10.00 -14.31
CA ASN C 36 22.42 8.74 -14.04
C ASN C 36 21.44 8.44 -15.18
N LEU C 37 21.89 8.61 -16.43
CA LEU C 37 21.00 8.52 -17.60
C LEU C 37 20.74 7.08 -18.04
N PHE C 38 21.68 6.18 -17.77
CA PHE C 38 21.50 4.74 -18.09
C PHE C 38 20.43 4.18 -17.13
N PRO C 39 19.57 3.27 -17.61
CA PRO C 39 18.52 2.69 -16.79
C PRO C 39 19.01 2.08 -15.48
N LYS C 40 18.27 2.39 -14.41
CA LYS C 40 18.55 1.88 -13.06
C LYS C 40 17.91 0.51 -12.88
N PHE C 41 17.07 0.08 -13.80
CA PHE C 41 16.49 -1.29 -13.85
C PHE C 41 16.81 -1.87 -15.22
N PRO C 42 18.09 -2.16 -15.49
CA PRO C 42 18.47 -2.42 -16.87
C PRO C 42 18.06 -3.78 -17.44
N GLU C 43 17.87 -4.78 -16.58
CA GLU C 43 17.64 -6.16 -17.08
C GLU C 43 16.14 -6.51 -17.05
N ARG C 44 15.36 -5.88 -16.19
CA ARG C 44 13.93 -6.31 -16.03
C ARG C 44 13.28 -5.22 -15.22
N ILE C 45 11.98 -5.13 -15.32
CA ILE C 45 11.23 -4.17 -14.46
C ILE C 45 10.30 -5.00 -13.59
N SER C 46 9.90 -4.40 -12.47
CA SER C 46 8.79 -4.92 -11.65
C SER C 46 7.47 -4.24 -12.02
N VAL C 47 6.41 -4.78 -11.47
CA VAL C 47 5.07 -4.17 -11.60
C VAL C 47 5.07 -2.77 -11.00
N ASP C 48 5.97 -2.47 -10.08
CA ASP C 48 5.96 -1.17 -9.36
C ASP C 48 7.04 -0.22 -9.95
N SER C 49 8.10 -0.71 -10.56
CA SER C 49 9.26 0.16 -10.85
C SER C 49 8.94 1.14 -11.99
N TRP C 50 9.56 2.31 -11.94
CA TRP C 50 9.38 3.24 -13.09
C TRP C 50 10.69 4.00 -13.31
N GLU C 51 10.87 4.40 -14.56
CA GLU C 51 11.95 5.32 -14.95
C GLU C 51 11.40 6.33 -15.95
N LEU C 52 11.90 7.57 -15.84
CA LEU C 52 11.41 8.70 -16.64
C LEU C 52 12.59 9.44 -17.24
N TRP C 53 12.47 9.75 -18.53
CA TRP C 53 13.35 10.72 -19.27
C TRP C 53 12.40 11.72 -19.97
N GLU C 54 12.38 12.93 -19.48
CA GLU C 54 11.39 13.95 -19.91
C GLU C 54 12.11 15.17 -20.51
N PHE C 55 11.50 15.72 -21.55
CA PHE C 55 12.07 16.84 -22.33
C PHE C 55 10.90 17.76 -22.75
N ASP C 56 10.85 18.91 -22.12
CA ASP C 56 9.71 19.86 -22.31
C ASP C 56 10.26 21.15 -22.90
N THR C 57 9.45 21.82 -23.72
CA THR C 57 9.85 23.07 -24.40
C THR C 57 8.65 24.01 -24.46
N PHE C 58 8.93 25.30 -24.46
CA PHE C 58 7.87 26.30 -24.74
C PHE C 58 8.56 27.54 -25.27
N ASP C 59 7.81 28.36 -26.01
CA ASP C 59 8.44 29.60 -26.54
C ASP C 59 8.42 30.68 -25.48
N THR C 60 9.08 31.80 -25.78
CA THR C 60 9.49 32.78 -24.76
C THR C 60 8.25 33.47 -24.21
N ASN C 61 7.21 33.59 -25.01
CA ASN C 61 5.98 34.24 -24.52
C ASN C 61 4.90 33.22 -24.15
N GLY C 62 5.19 31.90 -24.12
CA GLY C 62 4.23 30.87 -23.68
C GLY C 62 3.07 30.73 -24.64
N SER C 63 3.25 31.06 -25.91
CA SER C 63 2.18 30.82 -26.90
C SER C 63 2.22 29.42 -27.51
N VAL C 64 3.35 28.73 -27.39
CA VAL C 64 3.60 27.42 -28.03
C VAL C 64 4.30 26.55 -27.00
N ALA C 65 3.93 25.29 -26.94
CA ALA C 65 4.55 24.32 -26.02
C ALA C 65 4.59 22.93 -26.66
N PHE C 66 5.62 22.16 -26.33
CA PHE C 66 5.80 20.80 -26.85
C PHE C 66 6.59 19.99 -25.82
N GLY C 67 5.95 18.96 -25.30
CA GLY C 67 6.59 18.17 -24.23
C GLY C 67 6.57 16.71 -24.55
N CYS C 68 7.55 15.96 -24.07
CA CYS C 68 7.66 14.51 -24.31
C CYS C 68 8.22 13.84 -23.05
N SER C 69 7.43 12.97 -22.42
CA SER C 69 7.88 12.13 -21.29
C SER C 69 8.03 10.70 -21.80
N LEU C 70 9.21 10.12 -21.66
CA LEU C 70 9.49 8.71 -22.00
C LEU C 70 9.63 7.88 -20.72
N TYR C 71 8.78 6.87 -20.63
CA TYR C 71 8.71 5.99 -19.44
C TYR C 71 9.13 4.56 -19.76
N ARG C 72 9.74 3.94 -18.77
CA ARG C 72 9.75 2.47 -18.59
C ARG C 72 9.00 2.16 -17.31
N ASP C 73 7.89 1.48 -17.47
CA ASP C 73 7.09 0.96 -16.32
C ASP C 73 6.14 -0.06 -16.92
N ALA C 74 5.26 -0.63 -16.10
CA ALA C 74 4.34 -1.71 -16.53
C ALA C 74 2.95 -1.18 -16.85
N ARG C 75 2.73 0.13 -16.86
CA ARG C 75 1.37 0.70 -17.02
C ARG C 75 0.76 0.29 -18.37
N GLY C 76 1.56 0.22 -19.42
CA GLY C 76 1.05 -0.02 -20.79
C GLY C 76 1.05 -1.47 -21.20
N VAL C 77 1.25 -2.43 -20.30
CA VAL C 77 1.40 -3.87 -20.69
C VAL C 77 0.19 -4.29 -21.53
N GLU C 78 -1.01 -3.84 -21.16
CA GLU C 78 -2.28 -4.28 -21.79
C GLU C 78 -2.35 -3.68 -23.21
N GLN C 79 -1.66 -2.56 -23.43
CA GLN C 79 -1.60 -1.88 -24.76
C GLN C 79 -0.37 -2.31 -25.54
N GLY C 80 0.46 -3.19 -24.98
CA GLY C 80 1.64 -3.77 -25.64
C GLY C 80 2.78 -2.78 -25.79
N GLY C 81 2.94 -1.83 -24.87
CA GLY C 81 4.04 -0.88 -25.03
C GLY C 81 4.44 -0.18 -23.75
N PHE C 82 5.70 0.22 -23.69
CA PHE C 82 6.15 1.36 -22.87
C PHE C 82 5.49 2.64 -23.39
N HIS C 83 5.17 3.53 -22.51
CA HIS C 83 4.44 4.75 -22.93
C HIS C 83 5.38 5.94 -23.10
N ALA C 84 5.06 6.75 -24.11
CA ALA C 84 5.59 8.12 -24.28
C ALA C 84 4.37 9.03 -24.21
N GLU C 85 4.39 10.04 -23.37
CA GLU C 85 3.32 11.07 -23.35
C GLU C 85 3.83 12.30 -24.11
N VAL C 86 3.10 12.71 -25.15
CA VAL C 86 3.47 13.82 -26.05
C VAL C 86 2.32 14.83 -26.10
N ASN C 87 2.63 16.06 -25.74
CA ASN C 87 1.64 17.13 -25.68
C ASN C 87 2.13 18.37 -26.41
N ALA C 88 1.23 19.07 -27.10
CA ALA C 88 1.54 20.25 -27.91
C ALA C 88 0.41 21.29 -27.80
N LEU C 89 0.81 22.56 -27.75
CA LEU C 89 -0.15 23.70 -27.71
C LEU C 89 0.31 24.73 -28.75
N TRP C 90 -0.65 25.23 -29.51
CA TRP C 90 -0.51 26.26 -30.57
C TRP C 90 -1.01 27.61 -30.06
N PRO C 91 -0.58 28.73 -30.69
CA PRO C 91 -1.02 30.06 -30.27
C PRO C 91 -2.53 30.28 -30.27
N ASP C 92 -3.30 29.50 -31.02
CA ASP C 92 -4.77 29.72 -31.13
C ASP C 92 -5.49 28.93 -30.03
N GLY C 93 -4.73 28.23 -29.17
CA GLY C 93 -5.30 27.49 -28.04
C GLY C 93 -5.59 26.04 -28.35
N THR C 94 -5.45 25.60 -29.61
CA THR C 94 -5.59 24.19 -30.01
C THR C 94 -4.48 23.35 -29.36
N HIS C 95 -4.83 22.20 -28.82
CA HIS C 95 -3.83 21.34 -28.14
C HIS C 95 -3.89 19.97 -28.79
N TRP C 96 -2.78 19.25 -28.72
CA TRP C 96 -2.68 17.84 -29.20
C TRP C 96 -2.03 17.06 -28.05
N GLY C 97 -2.60 15.94 -27.70
CA GLY C 97 -2.06 15.14 -26.59
C GLY C 97 -2.36 13.68 -26.80
N GLU C 98 -1.36 12.80 -26.70
CA GLU C 98 -1.54 11.34 -26.87
C GLU C 98 -0.50 10.56 -26.04
N THR C 99 -0.96 9.47 -25.45
CA THR C 99 -0.12 8.39 -24.88
C THR C 99 0.22 7.49 -26.07
N LEU C 100 1.49 7.46 -26.44
CA LEU C 100 2.01 6.61 -27.54
C LEU C 100 2.65 5.37 -26.91
N TYR C 101 2.47 4.21 -27.53
CA TYR C 101 2.92 2.90 -27.02
C TYR C 101 4.00 2.32 -27.92
N PHE C 102 5.06 1.83 -27.30
CA PHE C 102 6.24 1.28 -28.01
C PHE C 102 6.63 -0.01 -27.34
N ALA C 103 6.54 -1.12 -28.03
CA ALA C 103 6.86 -2.45 -27.45
C ALA C 103 8.27 -2.48 -26.84
N VAL C 104 9.22 -1.82 -27.49
CA VAL C 104 10.66 -1.95 -27.16
C VAL C 104 11.18 -0.61 -26.66
N SER C 105 11.92 -0.61 -25.56
CA SER C 105 12.71 0.54 -25.06
C SER C 105 14.17 0.13 -24.94
N GLU C 106 15.06 0.82 -25.65
CA GLU C 106 16.53 0.56 -25.65
C GLU C 106 17.24 1.82 -25.19
N VAL C 107 18.12 1.70 -24.22
CA VAL C 107 18.97 2.82 -23.79
C VAL C 107 20.41 2.31 -23.72
N VAL C 108 21.32 3.11 -24.27
CA VAL C 108 22.75 2.71 -24.35
C VAL C 108 23.59 3.82 -23.77
N GLU C 109 24.72 3.44 -23.16
CA GLU C 109 25.78 4.42 -22.91
C GLU C 109 27.00 4.00 -23.72
N ASN C 110 27.51 4.88 -24.55
CA ASN C 110 28.64 4.60 -25.47
C ASN C 110 29.96 4.76 -24.72
N SER C 111 31.03 4.27 -25.35
CA SER C 111 32.39 4.22 -24.75
C SER C 111 32.96 5.61 -24.48
N ASP C 112 32.31 6.65 -25.02
CA ASP C 112 32.66 8.06 -24.75
C ASP C 112 31.70 8.72 -23.75
N GLY C 113 30.74 8.01 -23.16
CA GLY C 113 29.84 8.63 -22.17
C GLY C 113 28.61 9.28 -22.79
N THR C 114 28.46 9.29 -24.13
CA THR C 114 27.19 9.76 -24.75
C THR C 114 26.10 8.71 -24.48
N THR C 115 24.87 9.17 -24.32
CA THR C 115 23.76 8.24 -24.05
C THR C 115 22.75 8.39 -25.17
N GLY C 116 22.16 7.27 -25.56
CA GLY C 116 21.09 7.18 -26.56
C GLY C 116 19.92 6.39 -26.03
N GLY C 117 18.71 6.78 -26.40
CA GLY C 117 17.51 6.02 -26.07
C GLY C 117 16.65 5.88 -27.28
N LYS C 118 15.96 4.75 -27.39
CA LYS C 118 15.02 4.51 -28.50
C LYS C 118 13.78 3.78 -27.99
N TRP C 119 12.62 4.42 -28.14
CA TRP C 119 11.32 3.77 -27.96
C TRP C 119 10.84 3.38 -29.36
N LEU C 120 10.62 2.11 -29.56
CA LEU C 120 10.46 1.54 -30.92
C LEU C 120 9.22 0.67 -30.94
N SER C 121 8.35 0.88 -31.92
CA SER C 121 7.13 0.07 -32.06
C SER C 121 7.31 -0.95 -33.18
N LYS C 122 6.41 -1.94 -33.18
CA LYS C 122 6.41 -3.05 -34.15
C LYS C 122 6.36 -2.45 -35.57
N ASP C 123 5.53 -1.42 -35.78
CA ASP C 123 5.28 -0.83 -37.13
C ASP C 123 6.50 -0.03 -37.59
N GLY C 124 7.56 0.06 -36.77
CA GLY C 124 8.83 0.73 -37.12
C GLY C 124 8.91 2.16 -36.60
N GLY C 125 7.82 2.72 -36.09
CA GLY C 125 7.77 4.08 -35.51
C GLY C 125 8.70 4.17 -34.32
N SER C 126 9.13 5.38 -33.95
CA SER C 126 10.11 5.51 -32.85
C SER C 126 10.17 6.94 -32.35
N ILE C 127 10.62 7.08 -31.11
CA ILE C 127 11.17 8.33 -30.54
C ILE C 127 12.56 8.01 -30.01
N THR C 128 13.54 8.82 -30.42
CA THR C 128 14.94 8.64 -29.98
C THR C 128 15.41 9.87 -29.25
N PHE C 129 16.26 9.68 -28.24
CA PHE C 129 17.02 10.79 -27.64
C PHE C 129 18.51 10.47 -27.75
N HIS C 130 19.31 11.52 -27.85
CA HIS C 130 20.80 11.45 -27.79
C HIS C 130 21.24 12.58 -26.87
N ILE C 131 22.05 12.29 -25.85
CA ILE C 131 22.53 13.30 -24.88
C ILE C 131 24.06 13.33 -24.89
N ALA C 132 24.62 14.52 -24.92
CA ALA C 132 26.08 14.74 -24.93
C ALA C 132 26.69 14.10 -23.69
N SER C 133 27.98 13.70 -23.77
CA SER C 133 28.69 13.10 -22.63
C SER C 133 28.79 14.08 -21.43
N ASP C 134 28.82 15.41 -21.67
CA ASP C 134 28.89 16.41 -20.58
C ASP C 134 27.51 17.03 -20.33
N TYR C 135 26.47 16.44 -20.91
CA TYR C 135 25.04 16.68 -20.55
C TYR C 135 24.66 18.10 -21.00
N THR C 136 25.42 18.73 -21.94
CA THR C 136 25.15 20.14 -22.34
C THR C 136 24.20 20.19 -23.54
N ALA C 137 23.89 19.09 -24.21
CA ALA C 137 22.95 19.09 -25.33
C ALA C 137 22.15 17.79 -25.35
N ALA C 138 20.90 17.90 -25.76
CA ALA C 138 20.03 16.74 -25.98
C ALA C 138 19.30 16.95 -27.28
N ALA C 139 19.16 15.88 -28.04
CA ALA C 139 18.39 15.88 -29.29
C ALA C 139 17.38 14.76 -29.26
N LEU C 140 16.12 15.06 -29.63
CA LEU C 140 15.07 14.04 -29.81
C LEU C 140 14.61 14.03 -31.24
N ASP C 141 14.34 12.83 -31.74
CA ASP C 141 13.85 12.62 -33.12
C ASP C 141 12.56 11.84 -32.97
N PHE C 142 11.47 12.44 -33.47
CA PHE C 142 10.14 11.81 -33.50
C PHE C 142 9.90 11.28 -34.89
N ASN C 143 9.57 9.99 -35.00
CA ASN C 143 9.16 9.34 -36.28
C ASN C 143 8.03 8.38 -35.98
N VAL C 144 6.84 8.91 -35.76
CA VAL C 144 5.66 8.08 -35.40
C VAL C 144 4.59 8.21 -36.48
N PRO C 145 4.50 7.20 -37.38
CA PRO C 145 3.53 7.17 -38.46
C PRO C 145 2.12 7.59 -38.04
N GLY C 146 1.57 8.60 -38.75
CA GLY C 146 0.20 9.09 -38.56
C GLY C 146 0.00 9.82 -37.24
N LYS C 147 1.06 10.20 -36.54
CA LYS C 147 0.96 10.87 -35.22
C LYS C 147 1.79 12.15 -35.22
N VAL C 148 3.11 12.03 -35.22
CA VAL C 148 4.04 13.18 -35.05
C VAL C 148 5.41 12.76 -35.59
N SER C 149 6.05 13.71 -36.28
CA SER C 149 7.43 13.63 -36.77
C SER C 149 8.10 14.94 -36.45
N GLY C 150 9.39 14.91 -36.16
CA GLY C 150 10.16 16.14 -35.99
C GLY C 150 11.33 15.95 -35.10
N THR C 151 11.85 17.07 -34.64
CA THR C 151 13.09 17.15 -33.87
C THR C 151 12.88 18.15 -32.73
N MET C 152 13.49 17.87 -31.60
CA MET C 152 13.56 18.80 -30.47
C MET C 152 15.04 18.86 -30.08
N GLU C 153 15.52 20.02 -29.68
CA GLU C 153 16.86 20.19 -29.15
C GLU C 153 16.78 21.00 -27.88
N LEU C 154 17.60 20.59 -26.93
CA LEU C 154 17.86 21.35 -25.70
C LEU C 154 19.36 21.59 -25.60
N ARG C 155 19.79 22.83 -25.28
CA ARG C 155 21.23 23.18 -25.10
C ARG C 155 21.44 23.99 -23.83
N ASN C 156 22.37 23.57 -23.00
CA ASN C 156 22.83 24.35 -21.81
C ASN C 156 23.90 25.35 -22.29
N HIS C 157 23.89 26.61 -21.88
CA HIS C 157 24.92 27.61 -22.31
C HIS C 157 25.59 28.29 -21.12
N ALA C 158 25.31 27.86 -19.87
CA ALA C 158 25.75 28.54 -18.64
C ALA C 158 27.29 28.49 -18.54
N ASN C 159 27.88 29.34 -17.69
CA ASN C 159 29.36 29.41 -17.51
C ASN C 159 29.82 28.14 -16.78
N VAL C 160 29.12 27.81 -15.68
CA VAL C 160 29.38 26.63 -14.80
C VAL C 160 28.70 25.40 -15.41
N SER C 161 29.46 24.33 -15.62
CA SER C 161 29.03 23.12 -16.38
C SER C 161 27.89 22.40 -15.66
N PRO C 162 27.08 21.63 -16.40
CA PRO C 162 26.06 20.76 -15.77
C PRO C 162 26.65 19.88 -14.67
N THR C 163 27.84 19.28 -14.92
CA THR C 163 28.43 18.38 -13.91
C THR C 163 28.64 19.11 -12.59
N SER C 164 29.13 20.38 -12.62
CA SER C 164 29.40 21.16 -11.39
C SER C 164 28.17 21.22 -10.49
N ASN C 165 26.99 21.30 -11.09
CA ASN C 165 25.73 21.44 -10.34
C ASN C 165 25.01 20.11 -10.10
N LEU C 166 25.55 18.96 -10.54
CA LEU C 166 24.84 17.67 -10.29
C LEU C 166 24.86 17.33 -8.81
N PRO C 167 23.79 16.66 -8.38
CA PRO C 167 23.73 16.15 -7.02
C PRO C 167 24.98 15.33 -6.67
N ALA C 168 25.50 15.53 -5.47
CA ALA C 168 26.72 14.87 -5.00
C ALA C 168 26.35 13.78 -4.00
N SER C 169 25.07 13.62 -3.69
CA SER C 169 24.63 12.67 -2.65
C SER C 169 23.20 12.24 -2.96
N ASP C 170 22.77 11.10 -2.42
CA ASP C 170 21.40 10.59 -2.65
C ASP C 170 20.46 11.71 -2.17
N ALA C 171 20.78 12.38 -1.05
CA ALA C 171 19.94 13.43 -0.46
C ALA C 171 19.62 14.49 -1.52
N GLU C 172 20.64 14.99 -2.21
CA GLU C 172 20.49 16.04 -3.24
C GLU C 172 19.75 15.49 -4.47
N ALA C 173 19.78 14.17 -4.73
CA ALA C 173 19.14 13.55 -5.90
C ALA C 173 17.69 13.10 -5.61
N GLN C 174 17.33 13.01 -4.35
CA GLN C 174 16.05 12.37 -3.93
C GLN C 174 14.94 13.38 -3.68
N LEU C 175 13.72 13.00 -4.05
CA LEU C 175 12.48 13.63 -3.59
C LEU C 175 12.23 13.16 -2.16
N CYS C 176 12.43 11.86 -1.97
CA CYS C 176 12.14 11.19 -0.67
C CYS C 176 12.91 9.88 -0.74
N PRO C 177 13.05 9.12 0.34
CA PRO C 177 13.85 7.91 0.23
C PRO C 177 13.36 6.96 -0.88
N GLY C 178 14.31 6.60 -1.71
CA GLY C 178 14.16 5.72 -2.87
C GLY C 178 13.47 6.33 -4.05
N VAL C 179 13.15 7.63 -4.02
CA VAL C 179 12.54 8.29 -5.21
C VAL C 179 13.48 9.39 -5.71
N TYR C 180 14.02 9.17 -6.89
CA TYR C 180 15.07 10.03 -7.47
C TYR C 180 14.41 10.92 -8.50
N TYR C 181 14.68 12.21 -8.40
CA TYR C 181 14.13 13.19 -9.38
C TYR C 181 15.17 14.29 -9.52
N THR C 182 15.66 14.41 -10.73
CA THR C 182 16.85 15.25 -11.06
C THR C 182 16.62 16.08 -12.31
N PHE C 183 17.39 17.17 -12.39
CA PHE C 183 17.33 18.15 -13.52
C PHE C 183 18.76 18.32 -14.02
N PRO C 184 19.34 17.30 -14.67
CA PRO C 184 20.79 17.29 -14.88
C PRO C 184 21.30 18.34 -15.89
N MET C 185 20.45 18.80 -16.79
CA MET C 185 20.81 19.81 -17.83
C MET C 185 20.73 21.26 -17.33
N GLY C 186 20.00 21.55 -16.26
CA GLY C 186 19.91 22.91 -15.70
C GLY C 186 19.27 23.83 -16.73
N PRO C 187 19.70 25.11 -16.80
CA PRO C 187 19.08 26.05 -17.74
C PRO C 187 19.36 25.66 -19.19
N VAL C 188 18.32 25.61 -20.02
CA VAL C 188 18.41 25.19 -21.43
C VAL C 188 17.70 26.18 -22.34
N ALA C 189 18.26 26.37 -23.52
CA ALA C 189 17.63 27.00 -24.68
C ALA C 189 17.12 25.89 -25.55
N THR C 190 15.94 26.05 -26.14
CA THR C 190 15.25 24.98 -26.87
C THR C 190 14.85 25.34 -28.27
N SER C 191 14.69 24.31 -29.08
CA SER C 191 14.10 24.46 -30.41
C SER C 191 13.34 23.21 -30.75
N VAL C 192 12.33 23.39 -31.55
CA VAL C 192 11.41 22.34 -32.04
C VAL C 192 11.04 22.64 -33.49
N THR C 193 11.04 21.59 -34.30
CA THR C 193 10.38 21.56 -35.61
C THR C 193 9.61 20.27 -35.71
N ALA C 194 8.29 20.33 -35.78
CA ALA C 194 7.49 19.11 -35.74
C ALA C 194 6.28 19.26 -36.63
N THR C 195 5.78 18.11 -37.08
CA THR C 195 4.51 18.01 -37.80
C THR C 195 3.64 16.97 -37.14
N PHE C 196 2.38 17.30 -36.93
CA PHE C 196 1.35 16.40 -36.35
C PHE C 196 0.31 16.10 -37.43
N SER C 197 -0.14 14.85 -37.53
CA SER C 197 -0.99 14.33 -38.63
C SER C 197 -2.42 14.87 -38.55
N SER C 198 -2.98 14.98 -37.33
CA SER C 198 -4.41 15.28 -37.06
C SER C 198 -4.56 16.12 -35.79
N VAL C 199 -4.94 17.41 -35.91
CA VAL C 199 -4.96 18.43 -34.82
C VAL C 199 -6.32 19.15 -34.84
N ASN C 202 -11.64 18.69 -36.92
CA ASN C 202 -11.49 18.50 -38.39
C ASN C 202 -10.43 17.43 -38.71
N GLY C 203 -9.44 17.25 -37.83
CA GLY C 203 -8.34 16.29 -38.02
C GLY C 203 -7.37 16.73 -39.11
N GLU C 204 -7.08 18.03 -39.17
CA GLU C 204 -6.13 18.63 -40.14
C GLU C 204 -4.69 18.59 -39.58
N SER C 205 -3.72 18.35 -40.46
CA SER C 205 -2.27 18.35 -40.17
C SER C 205 -1.83 19.76 -39.74
N ARG C 206 -0.88 19.89 -38.81
CA ARG C 206 -0.28 21.20 -38.44
C ARG C 206 1.23 21.03 -38.19
N GLU C 207 1.97 22.09 -38.39
CA GLU C 207 3.39 22.17 -37.97
C GLU C 207 3.48 22.98 -36.69
N LEU C 208 4.59 22.79 -35.99
CA LEU C 208 4.89 23.56 -34.77
C LEU C 208 6.36 23.91 -34.78
N PHE C 209 6.68 25.13 -34.37
CA PHE C 209 8.06 25.59 -34.32
C PHE C 209 8.29 26.36 -33.03
N ILE C 210 9.44 26.08 -32.46
CA ILE C 210 10.06 26.88 -31.39
C ILE C 210 11.48 27.15 -31.85
N SER C 211 11.92 28.39 -31.71
CA SER C 211 13.30 28.79 -31.97
C SER C 211 13.74 29.62 -30.76
N SER C 212 14.83 29.20 -30.15
CA SER C 212 15.43 29.70 -28.91
C SER C 212 14.33 29.94 -27.88
N GLY C 213 13.66 28.85 -27.51
CA GLY C 213 12.71 28.90 -26.39
C GLY C 213 13.34 28.44 -25.08
N TYR C 214 12.44 28.09 -24.16
CA TYR C 214 12.73 27.65 -22.78
C TYR C 214 12.26 26.20 -22.65
N GLY C 215 12.49 25.67 -21.47
CA GLY C 215 12.11 24.29 -21.20
C GLY C 215 13.06 23.67 -20.20
N GLY C 216 13.01 22.37 -20.17
CA GLY C 216 13.75 21.64 -19.13
C GLY C 216 13.74 20.16 -19.37
N MET C 217 14.72 19.48 -18.75
CA MET C 217 14.86 18.01 -18.82
C MET C 217 14.72 17.45 -17.42
N VAL C 218 14.03 16.32 -17.34
CA VAL C 218 13.89 15.57 -16.06
C VAL C 218 14.37 14.13 -16.23
N ARG C 219 15.16 13.68 -15.26
CA ARG C 219 15.57 12.25 -15.13
C ARG C 219 15.08 11.77 -13.77
N GLY C 220 14.21 10.76 -13.76
CA GLY C 220 13.72 10.23 -12.47
C GLY C 220 13.54 8.73 -12.49
N TRP C 221 13.53 8.14 -11.32
CA TRP C 221 13.33 6.67 -11.21
C TRP C 221 12.98 6.30 -9.80
N SER C 222 12.29 5.16 -9.66
CA SER C 222 12.02 4.62 -8.30
C SER C 222 11.53 3.18 -8.44
N ALA C 223 11.82 2.41 -7.40
CA ALA C 223 11.12 1.15 -7.15
C ALA C 223 9.73 1.37 -6.57
N ARG C 224 9.44 2.56 -6.02
CA ARG C 224 8.24 2.85 -5.21
C ARG C 224 7.17 3.35 -6.16
N PRO C 225 5.98 2.73 -6.19
CA PRO C 225 4.89 3.24 -7.02
C PRO C 225 4.34 4.56 -6.46
N TRP C 226 3.88 5.41 -7.38
CA TRP C 226 3.44 6.78 -7.01
C TRP C 226 2.48 6.83 -5.82
N PRO C 227 1.44 5.99 -5.74
CA PRO C 227 0.53 6.10 -4.61
C PRO C 227 1.17 5.89 -3.24
N THR C 228 2.32 5.25 -3.19
CA THR C 228 2.99 5.00 -1.89
C THR C 228 3.61 6.25 -1.35
N PHE C 229 3.92 7.26 -2.17
CA PHE C 229 4.57 8.48 -1.63
C PHE C 229 3.83 9.78 -1.98
N MET C 230 2.73 9.75 -2.73
CA MET C 230 2.04 11.01 -3.08
C MET C 230 0.57 10.74 -3.37
N ASN C 231 -0.26 11.77 -3.22
CA ASN C 231 -1.59 11.77 -3.88
C ASN C 231 -1.81 13.07 -4.66
N ASP C 232 -0.84 13.98 -4.65
CA ASP C 232 -0.98 15.28 -5.37
C ASP C 232 0.45 15.69 -5.75
N ALA C 233 0.60 16.23 -6.94
CA ALA C 233 1.93 16.70 -7.39
C ALA C 233 1.74 17.93 -8.26
N TYR C 234 2.77 18.80 -8.22
CA TYR C 234 2.91 19.95 -9.13
C TYR C 234 4.33 19.96 -9.65
N TYR C 235 4.48 20.14 -10.94
CA TYR C 235 5.80 20.27 -11.58
C TYR C 235 5.77 21.49 -12.48
N VAL C 236 6.83 22.30 -12.45
CA VAL C 236 6.92 23.40 -13.48
C VAL C 236 8.40 23.61 -13.82
N VAL C 237 8.59 24.06 -15.04
CA VAL C 237 9.92 24.62 -15.39
C VAL C 237 9.64 25.97 -16.06
N ALA C 238 10.43 26.97 -15.68
CA ALA C 238 10.02 28.35 -15.99
C ALA C 238 11.25 29.23 -16.12
N GLN C 239 11.01 30.36 -16.80
CA GLN C 239 11.97 31.49 -16.89
C GLN C 239 11.21 32.76 -16.49
N VAL C 240 11.70 33.44 -15.48
CA VAL C 240 11.09 34.64 -14.88
C VAL C 240 12.21 35.68 -14.88
N GLY C 241 12.20 36.56 -15.89
CA GLY C 241 13.32 37.50 -16.09
C GLY C 241 14.65 36.75 -16.10
N PRO C 242 15.58 37.09 -15.19
CA PRO C 242 16.88 36.43 -15.12
C PRO C 242 16.89 35.10 -14.36
N TYR C 243 15.72 34.71 -13.80
CA TYR C 243 15.58 33.47 -13.01
C TYR C 243 15.16 32.33 -13.92
N MET C 244 15.75 31.16 -13.67
CA MET C 244 15.32 29.90 -14.31
C MET C 244 15.07 28.91 -13.16
N LEU C 245 13.84 28.39 -13.13
CA LEU C 245 13.41 27.59 -11.98
C LEU C 245 12.82 26.28 -12.48
N GLN C 246 12.98 25.25 -11.64
CA GLN C 246 12.48 23.91 -11.98
C GLN C 246 12.14 23.23 -10.66
N ILE C 247 10.92 22.69 -10.55
CA ILE C 247 10.47 22.16 -9.24
C ILE C 247 9.47 21.03 -9.48
N LEU C 248 9.63 19.97 -8.68
CA LEU C 248 8.55 18.98 -8.43
C LEU C 248 8.23 19.08 -6.94
N ARG C 249 6.96 19.26 -6.60
CA ARG C 249 6.52 19.18 -5.20
C ARG C 249 5.47 18.06 -5.13
N THR C 250 5.59 17.14 -4.21
CA THR C 250 4.48 16.18 -3.97
C THR C 250 3.89 16.38 -2.58
N LEU C 251 2.59 16.13 -2.46
CA LEU C 251 1.92 16.05 -1.15
C LEU C 251 1.63 14.57 -0.89
N GLY C 252 2.00 14.16 0.31
CA GLY C 252 2.06 12.74 0.62
C GLY C 252 0.69 12.13 0.75
N SER C 253 0.62 10.86 0.36
CA SER C 253 -0.52 10.00 0.72
C SER C 253 -0.38 9.58 2.17
N VAL C 254 -1.37 8.84 2.62
CA VAL C 254 -1.37 8.28 4.00
C VAL C 254 -0.12 7.39 4.15
N PHE C 255 0.40 6.80 3.08
CA PHE C 255 1.52 5.83 3.13
C PHE C 255 2.86 6.51 3.51
N VAL C 256 2.92 7.82 3.44
CA VAL C 256 4.08 8.62 3.92
C VAL C 256 3.58 9.65 4.93
N GLN C 257 2.52 9.33 5.67
CA GLN C 257 2.01 10.21 6.75
C GLN C 257 1.76 11.62 6.21
N HIS C 258 1.31 11.73 4.94
CA HIS C 258 0.97 13.02 4.27
C HIS C 258 2.17 13.97 4.28
N LYS C 259 3.38 13.44 4.29
CA LYS C 259 4.55 14.32 4.25
C LYS C 259 4.68 14.95 2.87
N PRO C 260 4.95 16.25 2.76
CA PRO C 260 5.28 16.88 1.50
C PRO C 260 6.78 16.77 1.19
N PHE C 261 7.07 16.61 -0.08
CA PHE C 261 8.44 16.45 -0.62
C PHE C 261 8.63 17.41 -1.79
N ALA C 262 9.89 17.79 -2.07
CA ALA C 262 10.18 18.63 -3.24
C ALA C 262 11.62 18.47 -3.67
N VAL C 263 11.82 18.58 -4.97
CA VAL C 263 13.15 18.85 -5.58
C VAL C 263 13.02 20.15 -6.38
N ALA C 264 13.81 21.18 -6.02
CA ALA C 264 13.66 22.51 -6.65
C ALA C 264 15.06 23.09 -6.87
N ARG C 265 15.22 23.73 -8.01
CA ARG C 265 16.48 24.42 -8.36
C ARG C 265 16.14 25.81 -8.86
N LEU C 266 16.86 26.84 -8.36
CA LEU C 266 16.69 28.25 -8.83
C LEU C 266 18.05 28.78 -9.29
N TYR C 267 18.14 29.16 -10.53
CA TYR C 267 19.30 29.89 -11.14
C TYR C 267 18.96 31.36 -11.31
N LEU C 268 19.98 32.23 -11.12
CA LEU C 268 19.91 33.70 -11.38
C LEU C 268 21.07 34.01 -12.34
N ASP C 269 20.73 34.43 -13.55
CA ASP C 269 21.67 34.72 -14.66
C ASP C 269 22.63 33.55 -14.82
N GLY C 270 22.12 32.32 -14.81
CA GLY C 270 22.91 31.11 -15.11
C GLY C 270 23.68 30.55 -13.93
N SER C 271 23.68 31.21 -12.77
CA SER C 271 24.37 30.74 -11.53
C SER C 271 23.32 30.11 -10.58
N LEU C 272 23.59 28.93 -10.04
CA LEU C 272 22.63 28.28 -9.13
C LEU C 272 22.61 29.08 -7.83
N VAL C 273 21.44 29.58 -7.38
CA VAL C 273 21.34 30.38 -6.13
C VAL C 273 20.54 29.67 -5.04
N SER C 274 19.77 28.64 -5.39
CA SER C 274 19.00 27.88 -4.40
C SER C 274 18.84 26.45 -4.91
N ALA C 275 19.21 25.50 -4.06
CA ALA C 275 18.97 24.07 -4.29
C ALA C 275 18.24 23.55 -3.07
N ALA C 276 17.02 23.06 -3.27
CA ALA C 276 16.17 22.59 -2.16
C ALA C 276 15.73 21.15 -2.45
N ASN C 277 15.84 20.32 -1.42
CA ASN C 277 15.28 18.96 -1.41
C ASN C 277 14.37 18.77 -0.23
N THR C 278 13.84 19.85 0.32
CA THR C 278 12.93 19.74 1.48
C THR C 278 11.89 20.85 1.44
N VAL C 279 10.76 20.58 2.06
CA VAL C 279 9.60 21.52 2.14
C VAL C 279 9.58 22.12 3.54
N VAL C 280 9.33 23.43 3.61
CA VAL C 280 9.33 24.27 4.85
C VAL C 280 8.13 23.84 5.66
N GLY C 281 8.34 23.34 6.90
CA GLY C 281 7.29 22.87 7.82
C GLY C 281 6.10 23.82 7.86
N VAL C 291 18.47 19.70 6.21
CA VAL C 291 19.78 20.24 6.71
C VAL C 291 20.67 20.62 5.52
N LYS C 292 20.84 19.74 4.52
CA LYS C 292 21.56 20.04 3.24
C LYS C 292 20.72 20.92 2.31
N GLY C 293 21.12 22.18 2.10
CA GLY C 293 20.52 23.08 1.10
C GLY C 293 19.33 23.86 1.64
N ASP C 294 18.55 24.44 0.73
CA ASP C 294 17.49 25.39 1.09
C ASP C 294 16.18 24.61 1.21
N ALA C 295 15.09 25.32 1.45
CA ALA C 295 13.75 24.69 1.60
C ALA C 295 12.79 25.44 0.70
N VAL C 296 11.71 24.81 0.30
CA VAL C 296 10.69 25.51 -0.51
C VAL C 296 9.36 25.40 0.22
N ARG C 297 8.56 26.42 0.05
CA ARG C 297 7.12 26.43 0.41
C ARG C 297 6.33 26.59 -0.88
N LEU C 298 5.27 25.82 -1.03
CA LEU C 298 4.43 25.90 -2.25
C LEU C 298 2.98 25.88 -1.79
N THR C 299 2.26 26.98 -2.01
CA THR C 299 0.90 27.17 -1.46
C THR C 299 -0.05 27.33 -2.63
N LYS C 300 -1.21 26.66 -2.60
CA LYS C 300 -2.21 26.83 -3.68
C LYS C 300 -2.91 28.19 -3.54
N VAL C 301 -3.19 28.80 -4.66
CA VAL C 301 -4.00 30.05 -4.74
C VAL C 301 -5.43 29.68 -5.19
N GLN C 302 -6.43 30.14 -4.46
CA GLN C 302 -7.83 29.82 -4.78
C GLN C 302 -8.45 30.97 -5.57
N PRO C 303 -9.50 30.73 -6.36
CA PRO C 303 -10.06 31.80 -7.18
C PRO C 303 -10.74 32.91 -6.38
N ASP C 304 -10.95 32.73 -5.09
CA ASP C 304 -11.49 33.84 -4.24
C ASP C 304 -10.37 34.78 -3.82
N GLU C 305 -9.12 34.45 -4.15
CA GLU C 305 -7.93 35.21 -3.69
C GLU C 305 -7.34 36.01 -4.86
N LYS C 306 -7.47 35.55 -6.09
CA LYS C 306 -6.76 36.23 -7.21
C LYS C 306 -7.62 36.14 -8.45
N SER C 307 -7.74 37.26 -9.18
CA SER C 307 -8.66 37.37 -10.34
C SER C 307 -8.08 36.63 -11.53
N GLN C 308 -6.76 36.43 -11.55
CA GLN C 308 -6.10 35.85 -12.75
C GLN C 308 -5.93 34.37 -12.46
N GLY C 309 -6.14 33.54 -13.48
CA GLY C 309 -5.79 32.12 -13.46
C GLY C 309 -6.98 31.23 -13.74
N LEU C 310 -6.80 30.25 -14.61
CA LEU C 310 -7.74 29.14 -14.81
C LEU C 310 -7.61 28.13 -13.66
N SER C 311 -8.71 27.41 -13.44
CA SER C 311 -8.67 26.16 -12.66
C SER C 311 -8.78 24.97 -13.61
N GLY C 312 -8.33 23.81 -13.13
CA GLY C 312 -8.52 22.52 -13.79
C GLY C 312 -9.97 22.05 -13.67
N LYS C 313 -10.26 20.98 -14.37
CA LYS C 313 -11.63 20.47 -14.53
C LYS C 313 -12.01 19.44 -13.47
N PHE C 314 -11.19 19.24 -12.44
CA PHE C 314 -11.41 18.16 -11.45
C PHE C 314 -11.63 18.78 -10.06
N ARG C 315 -11.44 18.00 -9.01
CA ARG C 315 -11.77 18.51 -7.67
C ARG C 315 -10.81 19.61 -7.20
N ASP C 316 -9.63 19.74 -7.83
CA ASP C 316 -8.64 20.75 -7.39
C ASP C 316 -9.01 22.07 -8.07
N GLY C 317 -9.51 23.02 -7.30
CA GLY C 317 -10.00 24.29 -7.83
C GLY C 317 -8.95 25.38 -7.92
N ASN C 318 -7.68 25.06 -7.68
CA ASN C 318 -6.67 26.15 -7.59
C ASN C 318 -6.54 26.83 -8.96
N VAL C 319 -6.17 28.12 -8.88
CA VAL C 319 -5.89 28.94 -10.10
C VAL C 319 -4.40 29.27 -10.18
N GLY C 320 -3.59 28.70 -9.31
CA GLY C 320 -2.15 28.85 -9.38
C GLY C 320 -1.54 28.57 -8.03
N TYR C 321 -0.30 29.04 -7.81
CA TYR C 321 0.49 28.71 -6.62
C TYR C 321 1.38 29.90 -6.22
N VAL C 322 1.74 29.97 -4.95
CA VAL C 322 2.85 30.82 -4.49
C VAL C 322 4.03 29.88 -4.15
N LEU C 323 5.17 30.10 -4.78
CA LEU C 323 6.40 29.27 -4.60
C LEU C 323 7.47 30.09 -3.91
N GLU C 324 7.91 29.66 -2.73
CA GLU C 324 8.94 30.43 -1.99
C GLU C 324 10.17 29.55 -1.90
N PHE C 325 11.35 30.09 -2.21
CA PHE C 325 12.64 29.42 -1.92
C PHE C 325 13.22 30.10 -0.69
N ALA C 326 13.35 29.39 0.43
CA ALA C 326 13.78 29.98 1.72
C ALA C 326 15.24 29.59 1.91
N LYS C 327 16.14 30.58 1.94
CA LYS C 327 17.62 30.40 2.08
C LYS C 327 17.94 29.91 3.49
N LYS C 328 18.69 28.80 3.63
CA LYS C 328 19.08 28.21 4.93
C LYS C 328 19.59 29.31 5.89
N ASP C 329 20.54 30.15 5.44
CA ASP C 329 21.19 31.19 6.28
C ASP C 329 20.36 32.47 6.29
N SER C 330 20.09 33.05 5.11
CA SER C 330 19.47 34.40 4.91
C SER C 330 18.08 34.43 5.54
N GLU C 331 17.36 35.54 5.33
CA GLU C 331 16.10 35.87 6.06
C GLU C 331 14.92 36.10 5.09
N HIS C 332 15.14 36.18 3.76
CA HIS C 332 14.11 36.64 2.80
C HIS C 332 13.89 35.67 1.62
N GLY C 333 14.95 35.31 0.86
CA GLY C 333 14.85 34.29 -0.22
C GLY C 333 14.12 34.79 -1.44
N TRP C 334 13.38 33.92 -2.15
CA TRP C 334 12.76 34.27 -3.43
C TRP C 334 11.32 33.76 -3.47
N THR C 335 10.40 34.55 -4.00
CA THR C 335 8.96 34.24 -3.98
C THR C 335 8.44 34.46 -5.38
N PHE C 336 7.71 33.48 -5.93
CA PHE C 336 7.13 33.57 -7.28
C PHE C 336 5.62 33.30 -7.23
N GLN C 337 4.86 34.14 -7.89
CA GLN C 337 3.39 34.01 -8.00
C GLN C 337 3.14 33.31 -9.32
N ILE C 338 2.46 32.15 -9.29
CA ILE C 338 2.20 31.34 -10.50
C ILE C 338 0.70 31.33 -10.78
N SER C 339 0.31 31.65 -12.00
CA SER C 339 -1.10 31.75 -12.44
C SER C 339 -1.32 30.86 -13.65
N HIS C 340 -2.32 29.98 -13.64
CA HIS C 340 -2.57 29.08 -14.76
C HIS C 340 -3.17 29.85 -15.95
N LYS C 341 -2.41 30.01 -17.02
CA LYS C 341 -2.79 30.94 -18.14
C LYS C 341 -3.45 30.16 -19.24
N ARG C 342 -2.94 28.99 -19.63
CA ARG C 342 -3.45 28.26 -20.80
C ARG C 342 -3.47 26.76 -20.56
N ALA C 343 -4.57 26.07 -20.90
CA ALA C 343 -4.72 24.63 -20.66
C ALA C 343 -3.98 23.91 -21.77
N VAL C 344 -3.20 22.91 -21.43
CA VAL C 344 -2.47 22.08 -22.42
C VAL C 344 -3.11 20.70 -22.48
N TRP C 345 -3.32 20.03 -21.35
CA TRP C 345 -3.98 18.70 -21.33
C TRP C 345 -4.87 18.63 -20.08
N SER C 346 -5.83 17.74 -20.16
CA SER C 346 -6.76 17.47 -19.05
C SER C 346 -7.20 16.02 -19.13
N GLU C 347 -6.98 15.20 -18.11
CA GLU C 347 -7.41 13.79 -18.18
C GLU C 347 -7.82 13.29 -16.81
N PRO C 348 -8.91 12.53 -16.65
CA PRO C 348 -9.30 12.04 -15.33
C PRO C 348 -8.38 10.92 -14.85
N THR C 349 -8.30 10.79 -13.52
CA THR C 349 -7.54 9.73 -12.82
C THR C 349 -8.45 8.99 -11.87
N SER C 350 -9.74 9.24 -11.97
CA SER C 350 -10.79 8.52 -11.22
C SER C 350 -12.09 8.59 -12.00
N ALA C 351 -13.02 7.73 -11.60
CA ALA C 351 -14.44 7.89 -11.99
C ALA C 351 -14.87 9.31 -11.65
N PRO C 352 -15.76 9.89 -12.49
CA PRO C 352 -16.28 11.23 -12.22
C PRO C 352 -17.15 11.30 -10.96
N GLY C 353 -17.17 12.46 -10.35
CA GLY C 353 -18.03 12.77 -9.21
C GLY C 353 -17.55 14.02 -8.51
N PRO C 354 -18.17 14.35 -7.38
CA PRO C 354 -17.79 15.56 -6.65
C PRO C 354 -16.30 15.53 -6.23
N ASP C 355 -15.72 14.36 -6.03
CA ASP C 355 -14.31 14.23 -5.63
C ASP C 355 -13.52 13.59 -6.75
N GLY C 356 -13.98 13.69 -8.01
CA GLY C 356 -13.23 13.15 -9.15
C GLY C 356 -11.89 13.88 -9.26
N THR C 357 -10.84 13.11 -9.40
CA THR C 357 -9.46 13.62 -9.55
C THR C 357 -9.04 13.61 -11.01
N GLY C 358 -7.97 14.37 -11.29
CA GLY C 358 -7.38 14.29 -12.61
C GLY C 358 -6.02 14.97 -12.71
N LYS C 359 -5.57 15.09 -13.95
CA LYS C 359 -4.26 15.66 -14.32
C LYS C 359 -4.49 16.80 -15.29
N SER C 360 -3.78 17.89 -15.06
CA SER C 360 -3.98 19.13 -15.85
C SER C 360 -2.60 19.68 -16.19
N GLY C 361 -2.40 20.04 -17.45
CA GLY C 361 -1.14 20.69 -17.84
C GLY C 361 -1.38 22.12 -18.28
N TRP C 362 -0.41 22.99 -18.04
CA TRP C 362 -0.56 24.46 -18.05
C TRP C 362 0.62 25.14 -18.75
N ILE C 363 0.32 26.19 -19.51
CA ILE C 363 1.28 27.33 -19.59
C ILE C 363 0.94 28.27 -18.44
N GLU C 364 1.92 28.56 -17.62
CA GLU C 364 1.82 29.36 -16.40
C GLU C 364 2.32 30.77 -16.76
N ALA C 365 1.73 31.78 -16.15
CA ALA C 365 2.27 33.14 -16.06
C ALA C 365 2.89 33.25 -14.70
N ILE C 366 4.14 33.68 -14.60
CA ILE C 366 4.85 33.69 -13.31
C ILE C 366 5.45 35.07 -13.09
N SER C 367 5.38 35.56 -11.87
CA SER C 367 6.07 36.82 -11.53
C SER C 367 6.79 36.68 -10.21
N GLY C 368 7.84 37.51 -10.02
CA GLY C 368 8.43 37.71 -8.69
C GLY C 368 9.94 37.76 -8.72
N GLY C 369 10.55 37.10 -7.72
CA GLY C 369 11.99 37.02 -7.51
C GLY C 369 12.32 37.25 -6.04
N ALA C 370 13.40 37.98 -5.78
CA ALA C 370 13.77 38.33 -4.39
C ALA C 370 12.76 39.32 -3.83
N LYS C 371 12.82 39.61 -2.53
CA LYS C 371 11.88 40.54 -1.87
C LYS C 371 11.91 41.84 -2.67
N GLY C 372 10.74 42.35 -3.04
CA GLY C 372 10.59 43.62 -3.78
C GLY C 372 10.65 43.43 -5.27
N GLU C 373 11.06 42.27 -5.77
CA GLU C 373 11.21 42.05 -7.24
C GLU C 373 9.91 41.56 -7.87
N ASN C 374 9.65 42.00 -9.09
CA ASN C 374 8.42 41.70 -9.85
C ASN C 374 8.77 41.43 -11.31
N TYR C 375 9.74 40.56 -11.58
CA TYR C 375 10.07 40.07 -12.93
C TYR C 375 8.88 39.23 -13.45
N GLU C 376 8.71 39.14 -14.75
CA GLU C 376 7.53 38.52 -15.34
C GLU C 376 8.00 37.51 -16.38
N GLY C 377 7.48 36.28 -16.33
CA GLY C 377 7.77 35.30 -17.37
C GLY C 377 6.74 34.17 -17.39
N HIS C 378 7.16 33.00 -17.88
CA HIS C 378 6.23 31.91 -18.21
C HIS C 378 6.87 30.61 -17.76
N GLY C 379 6.01 29.63 -17.53
CA GLY C 379 6.47 28.25 -17.32
C GLY C 379 5.55 27.24 -17.98
N PHE C 380 6.03 26.01 -18.00
CA PHE C 380 5.32 24.85 -18.56
C PHE C 380 5.22 23.84 -17.42
N GLY C 381 3.98 23.55 -17.06
CA GLY C 381 3.73 22.92 -15.75
C GLY C 381 2.57 21.97 -15.81
N GLY C 382 2.42 21.20 -14.75
CA GLY C 382 1.28 20.33 -14.69
C GLY C 382 1.01 19.95 -13.25
N GLN C 383 -0.21 19.55 -12.99
CA GLN C 383 -0.53 18.99 -11.63
C GLN C 383 -1.30 17.70 -11.82
N LEU C 384 -1.28 16.86 -10.76
CA LEU C 384 -1.94 15.55 -10.77
C LEU C 384 -2.49 15.31 -9.37
N GLN C 385 -3.72 14.77 -9.27
CA GLN C 385 -4.13 14.07 -8.04
C GLN C 385 -4.52 12.66 -8.40
N ILE C 386 -4.32 11.76 -7.47
CA ILE C 386 -4.85 10.38 -7.61
C ILE C 386 -5.60 10.10 -6.33
N PRO C 387 -6.64 9.25 -6.41
CA PRO C 387 -7.56 9.08 -5.29
C PRO C 387 -6.97 8.06 -4.29
N VAL C 388 -6.03 8.57 -3.52
CA VAL C 388 -5.34 7.81 -2.44
C VAL C 388 -5.51 8.70 -1.22
N PRO C 389 -6.02 8.23 -0.08
CA PRO C 389 -6.17 9.12 1.06
C PRO C 389 -4.81 9.42 1.70
#